data_2JOJ
#
_entry.id   2JOJ
#
_entity_poly.entity_id   1
_entity_poly.type   'polypeptide(L)'
_entity_poly.pdbx_seq_one_letter_code
;LSEEQKQEIKEAFDLFDTNKTGSIDYHELKVAMRALGFDVKKPEILELMNEYDREGNGYIGFDDFLDIMTEKIKNRD
;
_entity_poly.pdbx_strand_id   A
#
# COMPACT_ATOMS: atom_id res chain seq x y z
N LEU A 1 9.78 12.54 4.14
CA LEU A 1 8.92 12.59 5.34
C LEU A 1 9.78 12.59 6.59
N SER A 2 9.15 12.82 7.74
CA SER A 2 9.82 12.60 9.01
C SER A 2 9.61 11.16 9.42
N GLU A 3 10.45 10.66 10.30
CA GLU A 3 10.43 9.25 10.64
C GLU A 3 9.23 8.90 11.50
N GLU A 4 8.76 9.85 12.30
CA GLU A 4 7.56 9.65 13.11
C GLU A 4 6.36 9.40 12.20
N GLN A 5 6.35 10.13 11.09
CA GLN A 5 5.29 10.07 10.11
C GLN A 5 5.31 8.73 9.39
N LYS A 6 6.50 8.33 8.99
CA LYS A 6 6.68 7.10 8.25
C LYS A 6 6.31 5.91 9.11
N GLN A 7 6.62 6.01 10.39
CA GLN A 7 6.27 4.97 11.37
C GLN A 7 4.78 4.64 11.34
N GLU A 8 3.93 5.66 11.24
CA GLU A 8 2.49 5.43 11.12
C GLU A 8 2.21 4.53 9.94
N ILE A 9 2.88 4.84 8.84
CA ILE A 9 2.75 4.12 7.59
C ILE A 9 3.39 2.73 7.67
N LYS A 10 4.58 2.68 8.24
CA LYS A 10 5.36 1.44 8.28
C LYS A 10 4.85 0.48 9.34
N GLU A 11 4.26 0.99 10.40
CA GLU A 11 3.66 0.12 11.41
C GLU A 11 2.59 -0.71 10.74
N ALA A 12 1.87 -0.08 9.82
CA ALA A 12 0.90 -0.78 9.00
C ALA A 12 1.62 -1.70 8.01
N PHE A 13 2.74 -1.23 7.45
CA PHE A 13 3.47 -1.99 6.47
C PHE A 13 4.03 -3.28 7.08
N ASP A 14 4.62 -3.16 8.27
CA ASP A 14 5.14 -4.32 9.00
C ASP A 14 4.01 -5.29 9.34
N LEU A 15 2.82 -4.73 9.53
CA LEU A 15 1.65 -5.51 9.85
C LEU A 15 1.15 -6.27 8.62
N PHE A 16 1.03 -5.56 7.50
CA PHE A 16 0.47 -6.15 6.30
C PHE A 16 1.50 -6.99 5.55
N ASP A 17 2.78 -6.78 5.85
CA ASP A 17 3.84 -7.63 5.32
C ASP A 17 3.71 -9.04 5.90
N THR A 18 2.97 -9.86 5.20
CA THR A 18 2.74 -11.23 5.60
C THR A 18 3.56 -12.17 4.73
N ASN A 19 3.87 -11.68 3.54
CA ASN A 19 4.72 -12.39 2.60
C ASN A 19 6.15 -12.41 3.13
N LYS A 20 6.45 -11.46 4.01
CA LYS A 20 7.73 -11.39 4.71
C LYS A 20 8.86 -11.06 3.74
N THR A 21 9.02 -9.78 3.45
CA THR A 21 10.10 -9.33 2.58
C THR A 21 10.28 -7.83 2.62
N GLY A 22 9.36 -7.12 3.27
CA GLY A 22 9.44 -5.67 3.29
C GLY A 22 8.96 -5.09 1.98
N SER A 23 8.10 -5.86 1.33
CA SER A 23 7.51 -5.48 0.05
C SER A 23 6.13 -6.12 -0.02
N ILE A 24 5.15 -5.36 -0.45
CA ILE A 24 3.78 -5.79 -0.34
C ILE A 24 3.23 -6.26 -1.69
N ASP A 25 2.44 -7.31 -1.65
CA ASP A 25 1.80 -7.84 -2.85
C ASP A 25 0.32 -7.44 -2.85
N TYR A 26 -0.34 -7.52 -4.01
CA TYR A 26 -1.76 -7.20 -4.11
C TYR A 26 -2.59 -8.16 -3.25
N HIS A 27 -2.00 -9.33 -2.97
CA HIS A 27 -2.59 -10.29 -2.04
C HIS A 27 -2.79 -9.63 -0.67
N GLU A 28 -1.79 -8.86 -0.26
CA GLU A 28 -1.78 -8.27 1.07
C GLU A 28 -2.39 -6.88 1.05
N LEU A 29 -2.38 -6.25 -0.11
CA LEU A 29 -2.93 -4.91 -0.29
C LEU A 29 -4.40 -4.84 0.11
N LYS A 30 -5.09 -5.97 0.02
CA LYS A 30 -6.53 -6.01 0.27
C LYS A 30 -6.85 -5.53 1.68
N VAL A 31 -6.12 -6.03 2.66
CA VAL A 31 -6.34 -5.63 4.04
C VAL A 31 -5.65 -4.31 4.33
N ALA A 32 -4.65 -3.99 3.52
CA ALA A 32 -3.94 -2.72 3.64
C ALA A 32 -4.84 -1.57 3.21
N MET A 33 -5.38 -1.67 2.00
CA MET A 33 -6.25 -0.63 1.46
C MET A 33 -7.51 -0.50 2.30
N ARG A 34 -7.88 -1.59 2.94
CA ARG A 34 -9.01 -1.62 3.86
C ARG A 34 -8.71 -0.71 5.06
N ALA A 35 -7.57 -0.94 5.69
CA ALA A 35 -7.14 -0.16 6.84
C ALA A 35 -6.98 1.32 6.47
N LEU A 36 -6.48 1.57 5.26
CA LEU A 36 -6.41 2.92 4.73
C LEU A 36 -7.81 3.50 4.59
N GLY A 37 -8.67 2.77 3.91
CA GLY A 37 -10.05 3.18 3.78
C GLY A 37 -10.43 3.59 2.38
N PHE A 38 -10.57 2.62 1.50
CA PHE A 38 -11.15 2.85 0.17
C PHE A 38 -12.29 1.88 -0.05
N ASP A 39 -12.88 1.93 -1.23
CA ASP A 39 -13.96 1.03 -1.59
C ASP A 39 -13.86 0.65 -3.06
N VAL A 40 -13.27 -0.50 -3.33
CA VAL A 40 -12.96 -0.90 -4.71
C VAL A 40 -13.41 -2.32 -5.06
N LYS A 41 -13.54 -3.19 -4.05
CA LYS A 41 -13.84 -4.60 -4.27
C LYS A 41 -12.69 -5.29 -5.02
N LYS A 42 -12.91 -6.54 -5.41
CA LYS A 42 -11.88 -7.34 -6.06
C LYS A 42 -11.39 -6.74 -7.39
N PRO A 43 -12.30 -6.40 -8.34
CA PRO A 43 -11.90 -5.90 -9.67
C PRO A 43 -10.97 -4.68 -9.60
N GLU A 44 -11.35 -3.71 -8.78
CA GLU A 44 -10.62 -2.45 -8.73
C GLU A 44 -9.43 -2.53 -7.78
N ILE A 45 -9.33 -3.61 -6.99
CA ILE A 45 -8.31 -3.68 -5.95
C ILE A 45 -6.97 -4.16 -6.49
N LEU A 46 -6.98 -5.13 -7.40
CA LEU A 46 -5.72 -5.57 -7.98
C LEU A 46 -5.30 -4.60 -9.06
N GLU A 47 -6.27 -4.02 -9.76
CA GLU A 47 -5.98 -3.02 -10.77
C GLU A 47 -5.49 -1.75 -10.09
N LEU A 48 -5.93 -1.57 -8.85
CA LEU A 48 -5.52 -0.42 -8.07
C LEU A 48 -4.00 -0.37 -7.99
N MET A 49 -3.41 -1.46 -7.52
CA MET A 49 -1.97 -1.52 -7.39
C MET A 49 -1.34 -1.67 -8.74
N ASN A 50 -2.05 -2.27 -9.69
CA ASN A 50 -1.50 -2.56 -11.00
C ASN A 50 -1.23 -1.27 -11.76
N GLU A 51 -2.17 -0.33 -11.68
CA GLU A 51 -1.97 1.01 -12.23
C GLU A 51 -0.63 1.63 -11.78
N TYR A 52 -0.36 1.63 -10.47
CA TYR A 52 0.85 2.28 -9.96
C TYR A 52 2.02 1.29 -9.83
N ASP A 53 1.75 0.04 -10.16
CA ASP A 53 2.71 -1.06 -10.04
C ASP A 53 4.06 -0.75 -10.70
N ARG A 54 5.09 -1.35 -10.12
CA ARG A 54 6.46 -1.16 -10.54
C ARG A 54 6.80 -2.07 -11.71
N GLU A 55 8.08 -2.26 -11.94
CA GLU A 55 8.56 -3.23 -12.91
C GLU A 55 8.64 -4.60 -12.25
N GLY A 56 7.50 -5.11 -11.79
CA GLY A 56 7.49 -6.39 -11.13
C GLY A 56 6.13 -7.05 -11.21
N ASN A 57 5.09 -6.24 -11.04
CA ASN A 57 3.70 -6.69 -11.11
C ASN A 57 3.35 -7.55 -9.91
N GLY A 58 2.40 -7.07 -9.12
CA GLY A 58 1.96 -7.80 -7.96
C GLY A 58 2.55 -7.23 -6.69
N TYR A 59 3.86 -7.04 -6.68
CA TYR A 59 4.55 -6.49 -5.52
C TYR A 59 4.94 -5.05 -5.74
N ILE A 60 5.31 -4.41 -4.64
CA ILE A 60 5.71 -3.02 -4.63
C ILE A 60 6.64 -2.76 -3.46
N GLY A 61 7.30 -1.62 -3.48
CA GLY A 61 8.20 -1.27 -2.41
C GLY A 61 7.58 -0.29 -1.46
N PHE A 62 8.18 -0.12 -0.30
CA PHE A 62 7.64 0.75 0.73
C PHE A 62 7.42 2.16 0.22
N ASP A 63 8.34 2.63 -0.62
CA ASP A 63 8.22 3.97 -1.20
C ASP A 63 6.97 4.08 -2.06
N ASP A 64 6.63 3.00 -2.77
CA ASP A 64 5.47 2.98 -3.66
C ASP A 64 4.18 2.96 -2.85
N PHE A 65 4.26 2.37 -1.66
CA PHE A 65 3.12 2.27 -0.77
C PHE A 65 2.93 3.58 0.00
N LEU A 66 4.04 4.26 0.20
CA LEU A 66 4.07 5.48 0.97
C LEU A 66 3.29 6.59 0.29
N ASP A 67 3.44 6.70 -1.03
CA ASP A 67 2.78 7.75 -1.82
C ASP A 67 1.28 7.54 -1.86
N ILE A 68 0.86 6.43 -1.29
CA ILE A 68 -0.52 6.03 -1.23
C ILE A 68 -1.12 6.43 0.10
N MET A 69 -0.39 6.10 1.16
CA MET A 69 -0.76 6.57 2.46
C MET A 69 -0.56 8.07 2.52
N THR A 70 0.28 8.59 1.62
CA THR A 70 0.37 10.03 1.43
C THR A 70 -0.49 10.50 0.27
N GLU A 71 -1.08 9.56 -0.47
CA GLU A 71 -1.87 9.90 -1.65
C GLU A 71 -3.11 10.66 -1.26
N LYS A 72 -3.93 10.00 -0.47
CA LYS A 72 -5.26 10.49 -0.18
C LYS A 72 -5.26 11.78 0.64
N ILE A 73 -4.11 12.14 1.23
CA ILE A 73 -4.00 13.39 1.97
C ILE A 73 -3.39 14.51 1.14
N LYS A 74 -2.34 14.19 0.39
CA LYS A 74 -1.67 15.17 -0.45
C LYS A 74 -2.59 15.57 -1.59
N ASN A 75 -3.40 14.61 -2.03
CA ASN A 75 -4.51 14.90 -2.92
C ASN A 75 -5.79 14.47 -2.22
N ARG A 76 -6.12 15.20 -1.17
CA ARG A 76 -7.28 14.87 -0.35
C ARG A 76 -8.58 15.41 -0.95
N ASP A 77 -8.53 15.71 -2.23
CA ASP A 77 -9.70 16.21 -2.94
C ASP A 77 -10.15 15.19 -3.97
N LEU A 1 5.98 15.50 6.18
CA LEU A 1 5.63 14.34 7.04
C LEU A 1 6.73 14.09 8.06
N SER A 2 6.34 13.84 9.30
CA SER A 2 7.29 13.58 10.38
C SER A 2 7.74 12.13 10.37
N GLU A 3 8.67 11.78 11.24
CA GLU A 3 9.17 10.41 11.31
C GLU A 3 8.22 9.55 12.10
N GLU A 4 7.52 10.15 13.06
CA GLU A 4 6.50 9.45 13.84
C GLU A 4 5.43 8.90 12.91
N GLN A 5 5.11 9.65 11.87
CA GLN A 5 4.11 9.26 10.89
C GLN A 5 4.67 8.10 10.07
N LYS A 6 5.99 8.09 9.94
CA LYS A 6 6.68 7.10 9.14
C LYS A 6 6.84 5.79 9.88
N GLN A 7 7.06 5.88 11.18
CA GLN A 7 7.22 4.68 11.99
C GLN A 7 5.96 3.84 11.93
N GLU A 8 4.82 4.51 11.96
CA GLU A 8 3.53 3.87 11.78
C GLU A 8 3.46 3.11 10.46
N ILE A 9 4.04 3.71 9.43
CA ILE A 9 3.98 3.15 8.09
C ILE A 9 4.85 1.91 7.95
N LYS A 10 6.04 1.90 8.57
CA LYS A 10 6.90 0.69 8.54
C LYS A 10 6.18 -0.42 9.25
N GLU A 11 5.65 -0.06 10.40
CA GLU A 11 4.91 -0.95 11.26
C GLU A 11 3.74 -1.61 10.52
N ALA A 12 2.90 -0.77 9.91
CA ALA A 12 1.76 -1.25 9.14
C ALA A 12 2.23 -2.03 7.92
N PHE A 13 3.33 -1.60 7.33
CA PHE A 13 3.91 -2.22 6.16
C PHE A 13 4.17 -3.71 6.39
N ASP A 14 4.92 -4.03 7.43
CA ASP A 14 5.19 -5.43 7.78
C ASP A 14 3.91 -6.15 8.21
N LEU A 15 3.03 -5.39 8.84
CA LEU A 15 1.76 -5.90 9.31
C LEU A 15 0.88 -6.36 8.15
N PHE A 16 0.91 -5.62 7.06
CA PHE A 16 0.13 -5.95 5.89
C PHE A 16 0.90 -6.87 4.96
N ASP A 17 2.22 -6.86 5.07
CA ASP A 17 3.08 -7.79 4.33
C ASP A 17 2.72 -9.21 4.70
N THR A 18 2.24 -9.36 5.93
CA THR A 18 1.81 -10.65 6.50
C THR A 18 2.85 -11.75 6.25
N ASN A 19 4.10 -11.34 6.19
CA ASN A 19 5.19 -12.23 5.85
C ASN A 19 6.49 -11.59 6.32
N LYS A 20 7.62 -12.18 5.96
CA LYS A 20 8.90 -11.56 6.24
C LYS A 20 9.65 -11.33 4.93
N THR A 21 9.23 -10.30 4.21
CA THR A 21 9.91 -9.93 2.98
C THR A 21 9.77 -8.44 2.70
N GLY A 22 8.67 -7.84 3.15
CA GLY A 22 8.47 -6.41 3.00
C GLY A 22 8.21 -6.01 1.56
N SER A 23 7.22 -6.64 0.95
CA SER A 23 6.82 -6.30 -0.42
C SER A 23 5.36 -6.69 -0.61
N ILE A 24 4.56 -5.75 -1.10
CA ILE A 24 3.12 -5.94 -1.11
C ILE A 24 2.60 -6.26 -2.50
N ASP A 25 1.87 -7.36 -2.60
CA ASP A 25 1.11 -7.70 -3.81
C ASP A 25 -0.36 -7.50 -3.49
N TYR A 26 -1.23 -7.48 -4.51
CA TYR A 26 -2.66 -7.29 -4.25
C TYR A 26 -3.23 -8.48 -3.48
N HIS A 27 -2.39 -9.50 -3.32
CA HIS A 27 -2.62 -10.60 -2.40
C HIS A 27 -2.91 -10.07 -1.00
N GLU A 28 -1.93 -9.43 -0.40
CA GLU A 28 -2.07 -8.92 0.97
C GLU A 28 -2.44 -7.43 1.00
N LEU A 29 -2.36 -6.75 -0.14
CA LEU A 29 -2.73 -5.33 -0.18
C LEU A 29 -4.19 -5.15 0.21
N LYS A 30 -5.00 -6.15 -0.07
CA LYS A 30 -6.43 -6.05 0.18
C LYS A 30 -6.72 -5.90 1.67
N VAL A 31 -5.90 -6.53 2.51
CA VAL A 31 -6.10 -6.43 3.95
C VAL A 31 -5.51 -5.13 4.46
N ALA A 32 -4.63 -4.55 3.66
CA ALA A 32 -4.06 -3.24 3.96
C ALA A 32 -5.07 -2.14 3.64
N MET A 33 -5.53 -2.15 2.40
CA MET A 33 -6.46 -1.14 1.91
C MET A 33 -7.70 -1.04 2.79
N ARG A 34 -8.26 -2.18 3.16
CA ARG A 34 -9.45 -2.21 4.00
C ARG A 34 -9.15 -1.68 5.41
N ALA A 35 -7.90 -1.84 5.84
CA ALA A 35 -7.50 -1.36 7.15
C ALA A 35 -7.37 0.15 7.17
N LEU A 36 -6.82 0.71 6.09
CA LEU A 36 -6.75 2.16 5.94
C LEU A 36 -8.15 2.74 5.71
N GLY A 37 -9.05 1.91 5.20
CA GLY A 37 -10.41 2.33 5.00
C GLY A 37 -10.74 2.62 3.55
N PHE A 38 -9.90 2.12 2.65
CA PHE A 38 -10.09 2.33 1.23
C PHE A 38 -11.23 1.47 0.70
N ASP A 39 -12.21 2.10 0.09
CA ASP A 39 -13.30 1.39 -0.55
C ASP A 39 -13.00 1.22 -2.03
N VAL A 40 -12.32 0.15 -2.38
CA VAL A 40 -11.83 -0.06 -3.74
C VAL A 40 -12.19 -1.45 -4.27
N LYS A 41 -12.07 -2.45 -3.40
CA LYS A 41 -12.38 -3.84 -3.76
C LYS A 41 -11.56 -4.32 -4.96
N LYS A 42 -11.97 -5.46 -5.52
CA LYS A 42 -11.18 -6.15 -6.55
C LYS A 42 -10.75 -5.24 -7.72
N PRO A 43 -11.69 -4.61 -8.44
CA PRO A 43 -11.37 -3.90 -9.69
C PRO A 43 -10.36 -2.77 -9.50
N GLU A 44 -10.54 -1.99 -8.45
CA GLU A 44 -9.69 -0.83 -8.23
C GLU A 44 -8.38 -1.24 -7.54
N ILE A 45 -8.40 -2.36 -6.84
CA ILE A 45 -7.28 -2.72 -5.97
C ILE A 45 -6.12 -3.35 -6.74
N LEU A 46 -6.41 -4.18 -7.73
CA LEU A 46 -5.35 -4.78 -8.50
C LEU A 46 -4.83 -3.80 -9.54
N GLU A 47 -5.74 -2.98 -10.08
CA GLU A 47 -5.36 -2.00 -11.08
C GLU A 47 -4.53 -0.91 -10.44
N LEU A 48 -4.78 -0.68 -9.16
CA LEU A 48 -3.97 0.22 -8.37
C LEU A 48 -2.52 -0.24 -8.44
N MET A 49 -2.31 -1.54 -8.31
CA MET A 49 -0.98 -2.09 -8.32
C MET A 49 -0.48 -2.32 -9.73
N ASN A 50 -1.38 -2.56 -10.65
CA ASN A 50 -0.98 -2.89 -12.03
C ASN A 50 -0.12 -1.77 -12.61
N GLU A 51 -0.64 -0.55 -12.58
CA GLU A 51 0.13 0.60 -13.05
C GLU A 51 1.26 1.02 -12.08
N TYR A 52 1.15 0.65 -10.80
CA TYR A 52 2.18 1.06 -9.83
C TYR A 52 3.34 0.06 -9.77
N ASP A 53 3.07 -1.18 -10.14
CA ASP A 53 4.08 -2.24 -10.14
C ASP A 53 5.00 -2.10 -11.36
N ARG A 54 6.12 -2.81 -11.32
CA ARG A 54 7.13 -2.74 -12.37
C ARG A 54 6.74 -3.50 -13.63
N GLU A 55 5.43 -3.54 -13.92
CA GLU A 55 4.89 -4.14 -15.14
C GLU A 55 5.13 -5.66 -15.16
N GLY A 56 5.23 -6.26 -13.98
CA GLY A 56 5.48 -7.68 -13.90
C GLY A 56 4.52 -8.40 -12.98
N ASN A 57 3.59 -7.66 -12.41
CA ASN A 57 2.61 -8.20 -11.47
C ASN A 57 3.32 -8.83 -10.28
N GLY A 58 4.34 -8.14 -9.79
CA GLY A 58 5.09 -8.63 -8.66
C GLY A 58 4.63 -7.98 -7.38
N TYR A 59 5.43 -7.06 -6.87
CA TYR A 59 5.08 -6.35 -5.65
C TYR A 59 5.45 -4.89 -5.77
N ILE A 60 4.92 -4.11 -4.87
CA ILE A 60 5.29 -2.72 -4.74
C ILE A 60 6.19 -2.54 -3.53
N GLY A 61 6.86 -1.39 -3.46
CA GLY A 61 7.82 -1.17 -2.40
C GLY A 61 7.27 -0.26 -1.33
N PHE A 62 7.97 -0.19 -0.21
CA PHE A 62 7.54 0.63 0.91
C PHE A 62 7.29 2.08 0.49
N ASP A 63 8.15 2.59 -0.37
CA ASP A 63 8.02 3.96 -0.86
C ASP A 63 6.74 4.14 -1.67
N ASP A 64 6.27 3.06 -2.30
CA ASP A 64 5.00 3.09 -3.02
C ASP A 64 3.85 3.08 -2.04
N PHE A 65 3.98 2.25 -1.00
CA PHE A 65 2.97 2.11 0.03
C PHE A 65 2.74 3.44 0.71
N LEU A 66 3.83 4.16 0.88
CA LEU A 66 3.82 5.48 1.48
C LEU A 66 3.01 6.47 0.66
N ASP A 67 3.23 6.42 -0.65
CA ASP A 67 2.62 7.37 -1.57
C ASP A 67 1.14 7.10 -1.72
N ILE A 68 0.70 6.05 -1.06
CA ILE A 68 -0.70 5.67 -1.01
C ILE A 68 -1.34 6.24 0.22
N MET A 69 -0.57 6.28 1.29
CA MET A 69 -1.00 6.93 2.51
C MET A 69 -0.89 8.43 2.32
N THR A 70 -0.09 8.83 1.33
CA THR A 70 -0.05 10.21 0.89
C THR A 70 -0.98 10.40 -0.31
N GLU A 71 -1.31 9.29 -0.98
CA GLU A 71 -2.10 9.32 -2.20
C GLU A 71 -3.38 10.11 -2.01
N LYS A 72 -4.18 9.65 -1.08
CA LYS A 72 -5.52 10.16 -0.93
C LYS A 72 -5.56 11.58 -0.35
N ILE A 73 -4.47 12.03 0.28
CA ILE A 73 -4.43 13.37 0.85
C ILE A 73 -3.75 14.36 -0.09
N LYS A 74 -2.80 13.89 -0.88
CA LYS A 74 -2.07 14.74 -1.80
C LYS A 74 -2.96 15.07 -2.99
N ASN A 75 -3.78 14.10 -3.39
CA ASN A 75 -4.80 14.33 -4.39
C ASN A 75 -6.15 14.29 -3.70
N ARG A 76 -6.20 14.90 -2.52
CA ARG A 76 -7.38 14.89 -1.68
C ARG A 76 -8.46 15.79 -2.26
N ASP A 77 -8.07 16.66 -3.17
CA ASP A 77 -8.99 17.63 -3.74
C ASP A 77 -9.01 17.51 -5.25
N LEU A 1 9.09 12.88 4.72
CA LEU A 1 8.54 12.49 6.03
C LEU A 1 9.65 11.92 6.90
N SER A 2 9.52 12.07 8.21
CA SER A 2 10.52 11.57 9.13
C SER A 2 10.12 10.19 9.67
N GLU A 3 10.97 9.61 10.50
CA GLU A 3 10.75 8.27 11.05
C GLU A 3 9.43 8.19 11.79
N GLU A 4 9.04 9.26 12.47
CA GLU A 4 7.76 9.31 13.17
C GLU A 4 6.60 9.00 12.22
N GLN A 5 6.61 9.65 11.07
CA GLN A 5 5.59 9.46 10.06
C GLN A 5 5.74 8.09 9.41
N LYS A 6 6.98 7.63 9.36
CA LYS A 6 7.28 6.31 8.85
C LYS A 6 6.80 5.24 9.79
N GLN A 7 6.73 5.56 11.07
CA GLN A 7 6.31 4.58 12.06
C GLN A 7 4.90 4.11 11.77
N GLU A 8 3.96 5.06 11.67
CA GLU A 8 2.57 4.73 11.44
C GLU A 8 2.37 4.00 10.11
N ILE A 9 3.00 4.51 9.06
CA ILE A 9 2.93 3.90 7.74
C ILE A 9 3.47 2.47 7.75
N LYS A 10 4.68 2.30 8.27
CA LYS A 10 5.32 0.99 8.26
C LYS A 10 4.70 0.04 9.26
N GLU A 11 4.14 0.61 10.32
CA GLU A 11 3.39 -0.14 11.30
C GLU A 11 2.36 -1.02 10.60
N ALA A 12 1.77 -0.45 9.55
CA ALA A 12 0.81 -1.16 8.74
C ALA A 12 1.49 -1.91 7.59
N PHE A 13 2.63 -1.41 7.12
CA PHE A 13 3.30 -2.01 5.98
C PHE A 13 3.71 -3.44 6.30
N ASP A 14 4.53 -3.58 7.33
CA ASP A 14 4.99 -4.90 7.75
C ASP A 14 3.85 -5.68 8.39
N LEU A 15 2.89 -4.94 8.96
CA LEU A 15 1.68 -5.53 9.51
C LEU A 15 0.97 -6.40 8.48
N PHE A 16 0.81 -5.87 7.27
CA PHE A 16 0.06 -6.57 6.26
C PHE A 16 0.97 -7.44 5.39
N ASP A 17 2.20 -6.98 5.13
CA ASP A 17 3.20 -7.76 4.38
C ASP A 17 3.29 -9.19 4.93
N THR A 18 3.08 -9.26 6.23
CA THR A 18 3.08 -10.51 6.99
C THR A 18 4.08 -11.56 6.53
N ASN A 19 5.33 -11.16 6.30
CA ASN A 19 6.35 -12.15 6.03
C ASN A 19 7.75 -11.67 6.44
N LYS A 20 8.31 -10.68 5.73
CA LYS A 20 9.69 -10.26 5.98
C LYS A 20 10.17 -9.28 4.89
N THR A 21 9.95 -9.67 3.63
CA THR A 21 10.57 -8.98 2.50
C THR A 21 10.12 -7.52 2.38
N GLY A 22 8.84 -7.25 2.58
CA GLY A 22 8.35 -5.91 2.43
C GLY A 22 7.84 -5.65 1.03
N SER A 23 6.92 -6.49 0.59
CA SER A 23 6.30 -6.34 -0.71
C SER A 23 4.82 -6.60 -0.61
N ILE A 24 4.02 -5.71 -1.14
CA ILE A 24 2.59 -5.79 -0.97
C ILE A 24 1.90 -6.31 -2.24
N ASP A 25 1.12 -7.36 -2.08
CA ASP A 25 0.29 -7.91 -3.14
C ASP A 25 -1.15 -7.50 -2.87
N TYR A 26 -2.04 -7.66 -3.84
CA TYR A 26 -3.44 -7.30 -3.64
C TYR A 26 -4.08 -8.19 -2.58
N HIS A 27 -3.36 -9.22 -2.16
CA HIS A 27 -3.76 -10.06 -1.04
C HIS A 27 -3.87 -9.22 0.24
N GLU A 28 -2.73 -8.70 0.70
CA GLU A 28 -2.70 -7.96 1.96
C GLU A 28 -2.87 -6.46 1.73
N LEU A 29 -2.94 -6.05 0.48
CA LEU A 29 -3.22 -4.65 0.16
C LEU A 29 -4.66 -4.32 0.49
N LYS A 30 -5.58 -5.24 0.22
CA LYS A 30 -6.99 -4.97 0.44
C LYS A 30 -7.28 -4.74 1.92
N VAL A 31 -6.70 -5.57 2.78
CA VAL A 31 -6.89 -5.43 4.21
C VAL A 31 -6.23 -4.15 4.71
N ALA A 32 -5.17 -3.73 4.03
CA ALA A 32 -4.54 -2.45 4.31
C ALA A 32 -5.50 -1.32 3.94
N MET A 33 -6.03 -1.39 2.73
CA MET A 33 -6.94 -0.37 2.23
C MET A 33 -8.26 -0.38 3.00
N ARG A 34 -8.57 -1.50 3.64
CA ARG A 34 -9.74 -1.57 4.53
C ARG A 34 -9.46 -0.75 5.79
N ALA A 35 -8.24 -0.86 6.30
CA ALA A 35 -7.82 -0.08 7.45
C ALA A 35 -7.82 1.41 7.14
N LEU A 36 -7.59 1.73 5.87
CA LEU A 36 -7.64 3.11 5.39
C LEU A 36 -9.08 3.54 5.13
N GLY A 37 -10.00 2.56 5.14
CA GLY A 37 -11.42 2.86 5.03
C GLY A 37 -11.95 2.77 3.62
N PHE A 38 -11.23 2.08 2.74
CA PHE A 38 -11.66 1.95 1.35
C PHE A 38 -12.17 0.54 1.05
N ASP A 39 -11.31 -0.45 1.35
CA ASP A 39 -11.45 -1.83 0.85
C ASP A 39 -11.07 -1.87 -0.63
N VAL A 40 -11.66 -0.96 -1.41
CA VAL A 40 -11.26 -0.71 -2.80
C VAL A 40 -11.81 -1.78 -3.75
N LYS A 41 -12.38 -2.84 -3.18
CA LYS A 41 -12.89 -3.96 -3.95
C LYS A 41 -11.74 -4.60 -4.73
N LYS A 42 -12.04 -5.61 -5.51
CA LYS A 42 -11.00 -6.24 -6.32
C LYS A 42 -10.71 -5.42 -7.59
N PRO A 43 -11.74 -5.04 -8.40
CA PRO A 43 -11.54 -4.28 -9.64
C PRO A 43 -10.67 -3.03 -9.48
N GLU A 44 -10.90 -2.25 -8.43
CA GLU A 44 -10.15 -1.00 -8.29
C GLU A 44 -8.75 -1.28 -7.74
N ILE A 45 -8.63 -2.33 -6.93
CA ILE A 45 -7.38 -2.56 -6.22
C ILE A 45 -6.36 -3.31 -7.06
N LEU A 46 -6.79 -4.24 -7.90
CA LEU A 46 -5.81 -4.98 -8.69
C LEU A 46 -5.26 -4.07 -9.78
N GLU A 47 -6.12 -3.21 -10.33
CA GLU A 47 -5.70 -2.30 -11.38
C GLU A 47 -4.87 -1.17 -10.79
N LEU A 48 -5.02 -0.97 -9.50
CA LEU A 48 -4.18 -0.03 -8.79
C LEU A 48 -2.74 -0.55 -8.82
N MET A 49 -2.61 -1.86 -8.79
CA MET A 49 -1.31 -2.49 -8.74
C MET A 49 -0.80 -2.81 -10.14
N ASN A 50 -1.68 -3.27 -10.99
CA ASN A 50 -1.31 -3.63 -12.37
C ASN A 50 -0.76 -2.43 -13.12
N GLU A 51 -1.37 -1.27 -12.94
CA GLU A 51 -0.86 -0.04 -13.51
C GLU A 51 0.45 0.43 -12.84
N TYR A 52 0.56 0.23 -11.52
CA TYR A 52 1.69 0.79 -10.77
C TYR A 52 2.86 -0.20 -10.64
N ASP A 53 2.62 -1.26 -9.87
CA ASP A 53 3.66 -2.15 -9.31
C ASP A 53 5.05 -1.49 -9.29
N ARG A 54 6.05 -2.07 -9.94
CA ARG A 54 7.35 -1.47 -10.04
C ARG A 54 7.87 -1.46 -11.49
N GLU A 55 7.70 -2.56 -12.21
CA GLU A 55 8.21 -2.66 -13.59
C GLU A 55 7.61 -3.84 -14.34
N GLY A 56 6.48 -4.35 -13.85
CA GLY A 56 5.88 -5.53 -14.43
C GLY A 56 6.05 -6.74 -13.53
N ASN A 57 6.03 -6.49 -12.24
CA ASN A 57 6.19 -7.54 -11.24
C ASN A 57 4.84 -8.05 -10.79
N GLY A 58 4.02 -7.14 -10.27
CA GLY A 58 2.73 -7.53 -9.72
C GLY A 58 2.61 -7.12 -8.27
N TYR A 59 3.74 -6.80 -7.66
CA TYR A 59 3.76 -6.33 -6.28
C TYR A 59 4.31 -4.91 -6.24
N ILE A 60 4.01 -4.15 -5.19
CA ILE A 60 4.62 -2.84 -5.01
C ILE A 60 5.48 -2.81 -3.76
N GLY A 61 6.39 -1.87 -3.71
CA GLY A 61 7.29 -1.75 -2.58
C GLY A 61 6.89 -0.61 -1.65
N PHE A 62 7.50 -0.58 -0.47
CA PHE A 62 7.24 0.46 0.51
C PHE A 62 7.43 1.86 -0.08
N ASP A 63 8.32 1.97 -1.06
CA ASP A 63 8.58 3.25 -1.71
C ASP A 63 7.32 3.79 -2.37
N ASP A 64 6.61 2.94 -3.10
CA ASP A 64 5.38 3.35 -3.77
C ASP A 64 4.26 3.48 -2.75
N PHE A 65 4.25 2.56 -1.78
CA PHE A 65 3.22 2.48 -0.76
C PHE A 65 3.16 3.76 0.06
N LEU A 66 4.30 4.40 0.21
CA LEU A 66 4.42 5.60 1.00
C LEU A 66 3.60 6.74 0.41
N ASP A 67 3.73 6.92 -0.89
CA ASP A 67 3.08 8.02 -1.60
C ASP A 67 1.59 7.77 -1.70
N ILE A 68 1.20 6.60 -1.22
CA ILE A 68 -0.17 6.15 -1.17
C ILE A 68 -0.79 6.47 0.16
N MET A 69 -0.05 6.16 1.21
CA MET A 69 -0.46 6.55 2.54
C MET A 69 -0.33 8.06 2.68
N THR A 70 0.39 8.67 1.74
CA THR A 70 0.36 10.12 1.60
C THR A 70 -0.59 10.54 0.49
N GLU A 71 -0.95 9.60 -0.39
CA GLU A 71 -1.80 9.93 -1.53
C GLU A 71 -3.13 10.48 -1.07
N LYS A 72 -3.72 9.79 -0.12
CA LYS A 72 -5.10 10.02 0.25
C LYS A 72 -5.29 11.24 1.16
N ILE A 73 -4.21 11.87 1.61
CA ILE A 73 -4.31 13.18 2.26
C ILE A 73 -4.00 14.30 1.28
N LYS A 74 -3.22 13.95 0.28
CA LYS A 74 -2.68 14.87 -0.68
C LYS A 74 -3.69 15.12 -1.79
N ASN A 75 -4.03 14.06 -2.50
CA ASN A 75 -5.06 14.10 -3.51
C ASN A 75 -6.20 13.22 -3.04
N ARG A 76 -6.70 13.54 -1.85
CA ARG A 76 -7.75 12.76 -1.22
C ARG A 76 -8.98 12.65 -2.11
N ASP A 77 -9.22 13.69 -2.90
CA ASP A 77 -10.33 13.70 -3.83
C ASP A 77 -9.79 13.53 -5.25
N LEU A 1 6.98 13.39 4.75
CA LEU A 1 6.32 13.33 6.07
C LEU A 1 7.36 13.39 7.18
N SER A 2 6.90 13.39 8.42
CA SER A 2 7.80 13.34 9.56
C SER A 2 8.19 11.89 9.86
N GLU A 3 9.30 11.72 10.58
CA GLU A 3 9.80 10.38 10.90
C GLU A 3 8.78 9.57 11.70
N GLU A 4 8.02 10.24 12.57
CA GLU A 4 7.03 9.55 13.38
C GLU A 4 5.96 8.91 12.49
N GLN A 5 5.47 9.70 11.54
CA GLN A 5 4.49 9.24 10.58
C GLN A 5 5.06 8.10 9.75
N LYS A 6 6.32 8.26 9.34
CA LYS A 6 7.03 7.23 8.60
C LYS A 6 7.04 5.94 9.37
N GLN A 7 7.34 6.01 10.66
CA GLN A 7 7.42 4.83 11.48
C GLN A 7 6.08 4.09 11.50
N GLU A 8 4.99 4.85 11.60
CA GLU A 8 3.65 4.28 11.56
C GLU A 8 3.40 3.55 10.25
N ILE A 9 3.98 4.06 9.16
CA ILE A 9 3.81 3.48 7.84
C ILE A 9 4.56 2.14 7.72
N LYS A 10 5.63 1.98 8.48
CA LYS A 10 6.39 0.73 8.45
C LYS A 10 5.86 -0.20 9.51
N GLU A 11 5.40 0.41 10.59
CA GLU A 11 4.66 -0.29 11.60
C GLU A 11 3.50 -1.03 10.94
N ALA A 12 2.93 -0.38 9.94
CA ALA A 12 1.92 -0.98 9.09
C ALA A 12 2.56 -1.85 8.01
N PHE A 13 3.67 -1.39 7.44
CA PHE A 13 4.36 -2.11 6.38
C PHE A 13 4.68 -3.55 6.79
N ASP A 14 5.36 -3.70 7.93
CA ASP A 14 5.73 -5.02 8.44
C ASP A 14 4.47 -5.79 8.83
N LEU A 15 3.48 -5.08 9.33
CA LEU A 15 2.23 -5.68 9.76
C LEU A 15 1.48 -6.32 8.58
N PHE A 16 1.40 -5.60 7.47
CA PHE A 16 0.62 -6.06 6.34
C PHE A 16 1.39 -7.06 5.48
N ASP A 17 2.71 -7.08 5.62
CA ASP A 17 3.51 -8.11 4.97
C ASP A 17 3.16 -9.46 5.55
N THR A 18 2.52 -10.30 4.76
CA THR A 18 2.07 -11.59 5.24
C THR A 18 2.76 -12.74 4.51
N ASN A 19 3.88 -12.45 3.87
CA ASN A 19 4.59 -13.47 3.10
C ASN A 19 6.08 -13.53 3.44
N LYS A 20 6.58 -12.46 4.06
CA LYS A 20 8.02 -12.31 4.29
C LYS A 20 8.72 -12.10 2.96
N THR A 21 8.86 -10.84 2.57
CA THR A 21 9.55 -10.49 1.34
C THR A 21 9.90 -9.00 1.30
N GLY A 22 9.33 -8.23 2.22
CA GLY A 22 9.59 -6.80 2.24
C GLY A 22 8.88 -6.10 1.10
N SER A 23 7.75 -6.65 0.71
CA SER A 23 6.98 -6.15 -0.41
C SER A 23 5.53 -6.57 -0.24
N ILE A 24 4.61 -5.80 -0.82
CA ILE A 24 3.18 -6.07 -0.66
C ILE A 24 2.52 -6.33 -2.00
N ASP A 25 1.73 -7.40 -2.09
CA ASP A 25 0.96 -7.67 -3.29
C ASP A 25 -0.50 -7.30 -3.08
N TYR A 26 -1.26 -7.25 -4.16
CA TYR A 26 -2.63 -6.75 -4.13
C TYR A 26 -3.53 -7.50 -3.13
N HIS A 27 -3.32 -8.79 -2.93
CA HIS A 27 -4.26 -9.54 -2.11
C HIS A 27 -3.93 -9.43 -0.62
N GLU A 28 -2.72 -9.01 -0.27
CA GLU A 28 -2.41 -8.67 1.11
C GLU A 28 -2.54 -7.16 1.32
N LEU A 29 -2.41 -6.41 0.24
CA LEU A 29 -2.69 -4.97 0.24
C LEU A 29 -4.13 -4.72 0.65
N LYS A 30 -4.95 -5.74 0.45
CA LYS A 30 -6.37 -5.69 0.73
C LYS A 30 -6.67 -5.28 2.17
N VAL A 31 -5.93 -5.83 3.12
CA VAL A 31 -6.14 -5.50 4.53
C VAL A 31 -5.57 -4.13 4.83
N ALA A 32 -4.60 -3.71 4.03
CA ALA A 32 -4.03 -2.38 4.14
C ALA A 32 -5.04 -1.35 3.64
N MET A 33 -5.68 -1.66 2.51
CA MET A 33 -6.74 -0.81 1.97
C MET A 33 -7.84 -0.65 2.99
N ARG A 34 -8.12 -1.73 3.69
CA ARG A 34 -9.14 -1.75 4.74
C ARG A 34 -8.78 -0.80 5.86
N ALA A 35 -7.58 -0.98 6.43
CA ALA A 35 -7.12 -0.18 7.56
C ALA A 35 -7.06 1.30 7.21
N LEU A 36 -6.85 1.61 5.93
CA LEU A 36 -6.84 2.98 5.48
C LEU A 36 -8.25 3.49 5.26
N GLY A 37 -9.04 2.71 4.54
CA GLY A 37 -10.39 3.09 4.25
C GLY A 37 -10.60 3.44 2.79
N PHE A 38 -10.68 2.41 1.96
CA PHE A 38 -10.99 2.59 0.55
C PHE A 38 -12.26 1.82 0.19
N ASP A 39 -12.77 2.06 -1.01
CA ASP A 39 -13.96 1.35 -1.48
C ASP A 39 -13.57 -0.01 -2.07
N VAL A 40 -12.28 -0.15 -2.35
CA VAL A 40 -11.65 -1.41 -2.81
C VAL A 40 -12.42 -2.13 -3.92
N LYS A 41 -12.82 -3.37 -3.64
CA LYS A 41 -13.55 -4.19 -4.59
C LYS A 41 -12.62 -4.68 -5.68
N LYS A 42 -13.01 -5.73 -6.36
CA LYS A 42 -12.16 -6.42 -7.33
C LYS A 42 -11.40 -5.43 -8.24
N PRO A 43 -12.10 -4.52 -8.95
CA PRO A 43 -11.46 -3.61 -9.92
C PRO A 43 -10.45 -2.63 -9.30
N GLU A 44 -10.82 -1.95 -8.21
CA GLU A 44 -10.03 -0.80 -7.75
C GLU A 44 -8.85 -1.21 -6.86
N ILE A 45 -8.79 -2.47 -6.48
CA ILE A 45 -7.71 -2.92 -5.61
C ILE A 45 -6.54 -3.52 -6.38
N LEU A 46 -6.79 -4.48 -7.25
CA LEU A 46 -5.70 -5.13 -7.94
C LEU A 46 -5.04 -4.14 -8.89
N GLU A 47 -5.85 -3.32 -9.56
CA GLU A 47 -5.35 -2.40 -10.58
C GLU A 47 -4.77 -1.16 -9.95
N LEU A 48 -4.93 -1.04 -8.65
CA LEU A 48 -4.25 0.01 -7.92
C LEU A 48 -2.76 -0.27 -7.97
N MET A 49 -2.38 -1.49 -7.62
CA MET A 49 -0.97 -1.82 -7.53
C MET A 49 -0.49 -2.50 -8.79
N ASN A 50 -1.42 -2.86 -9.66
CA ASN A 50 -1.06 -3.51 -10.91
C ASN A 50 -0.26 -2.58 -11.81
N GLU A 51 -0.62 -1.31 -11.85
CA GLU A 51 0.22 -0.32 -12.54
C GLU A 51 1.32 0.23 -11.63
N TYR A 52 1.13 0.18 -10.31
CA TYR A 52 2.12 0.73 -9.38
C TYR A 52 3.31 -0.23 -9.12
N ASP A 53 3.05 -1.53 -9.15
CA ASP A 53 4.02 -2.54 -8.70
C ASP A 53 5.17 -2.72 -9.70
N ARG A 54 5.28 -1.83 -10.68
CA ARG A 54 6.24 -1.99 -11.76
C ARG A 54 7.67 -1.67 -11.33
N GLU A 55 7.88 -1.69 -10.03
CA GLU A 55 9.20 -1.56 -9.46
C GLU A 55 9.53 -2.78 -8.62
N GLY A 56 8.56 -3.69 -8.53
CA GLY A 56 8.76 -4.93 -7.81
C GLY A 56 8.39 -6.14 -8.64
N ASN A 57 7.35 -5.98 -9.47
CA ASN A 57 6.84 -7.03 -10.34
C ASN A 57 6.19 -8.13 -9.51
N GLY A 58 4.91 -7.97 -9.26
CA GLY A 58 4.18 -8.89 -8.40
C GLY A 58 3.88 -8.27 -7.07
N TYR A 59 4.76 -7.37 -6.64
CA TYR A 59 4.60 -6.67 -5.37
C TYR A 59 5.04 -5.22 -5.53
N ILE A 60 4.66 -4.41 -4.57
CA ILE A 60 5.07 -3.02 -4.50
C ILE A 60 6.16 -2.83 -3.47
N GLY A 61 6.81 -1.69 -3.51
CA GLY A 61 7.87 -1.41 -2.55
C GLY A 61 7.40 -0.45 -1.47
N PHE A 62 8.17 -0.33 -0.39
CA PHE A 62 7.82 0.56 0.70
C PHE A 62 7.66 1.99 0.19
N ASP A 63 8.54 2.39 -0.74
CA ASP A 63 8.47 3.72 -1.36
C ASP A 63 7.14 3.91 -2.04
N ASP A 64 6.62 2.84 -2.61
CA ASP A 64 5.38 2.88 -3.36
C ASP A 64 4.19 2.91 -2.42
N PHE A 65 4.23 2.04 -1.40
CA PHE A 65 3.19 1.93 -0.40
C PHE A 65 2.99 3.27 0.30
N LEU A 66 4.09 3.97 0.45
CA LEU A 66 4.11 5.27 1.09
C LEU A 66 3.25 6.28 0.34
N ASP A 67 3.33 6.24 -0.97
CA ASP A 67 2.59 7.19 -1.80
C ASP A 67 1.11 6.83 -1.85
N ILE A 68 0.76 5.71 -1.25
CA ILE A 68 -0.62 5.25 -1.15
C ILE A 68 -1.23 5.68 0.16
N MET A 69 -0.47 5.50 1.21
CA MET A 69 -0.84 6.05 2.49
C MET A 69 -0.95 7.55 2.36
N THR A 70 -0.21 8.10 1.42
CA THR A 70 -0.28 9.51 1.11
C THR A 70 -1.19 9.76 -0.10
N GLU A 71 -1.55 8.71 -0.81
CA GLU A 71 -2.30 8.85 -2.06
C GLU A 71 -3.60 9.59 -1.84
N LYS A 72 -4.45 8.98 -1.03
CA LYS A 72 -5.81 9.44 -0.88
C LYS A 72 -5.90 10.83 -0.25
N ILE A 73 -4.82 11.29 0.39
CA ILE A 73 -4.81 12.65 0.97
C ILE A 73 -4.13 13.65 0.05
N LYS A 74 -3.08 13.23 -0.63
CA LYS A 74 -2.35 14.08 -1.55
C LYS A 74 -3.17 14.29 -2.81
N ASN A 75 -3.87 13.25 -3.21
CA ASN A 75 -4.78 13.32 -4.33
C ASN A 75 -6.20 13.22 -3.79
N ARG A 76 -6.41 13.86 -2.64
CA ARG A 76 -7.72 13.87 -1.99
C ARG A 76 -8.73 14.60 -2.87
N ASP A 77 -8.22 15.46 -3.73
CA ASP A 77 -9.04 16.26 -4.62
C ASP A 77 -9.07 15.63 -6.01
N LEU A 1 8.65 14.21 4.70
CA LEU A 1 8.12 13.08 5.50
C LEU A 1 9.24 12.43 6.29
N SER A 2 9.33 12.79 7.55
CA SER A 2 10.36 12.26 8.44
C SER A 2 9.90 10.92 9.03
N GLU A 3 10.73 10.31 9.87
CA GLU A 3 10.42 9.01 10.45
C GLU A 3 9.16 9.08 11.32
N GLU A 4 8.78 10.28 11.76
CA GLU A 4 7.51 10.49 12.44
C GLU A 4 6.35 9.93 11.62
N GLN A 5 6.35 10.23 10.33
CA GLN A 5 5.31 9.76 9.42
C GLN A 5 5.48 8.28 9.16
N LYS A 6 6.72 7.82 9.25
CA LYS A 6 7.04 6.41 9.10
C LYS A 6 6.47 5.64 10.26
N GLN A 7 6.59 6.20 11.44
CA GLN A 7 6.04 5.56 12.62
C GLN A 7 4.58 5.19 12.40
N GLU A 8 3.88 6.03 11.64
CA GLU A 8 2.50 5.75 11.24
C GLU A 8 2.44 4.77 10.06
N ILE A 9 2.99 5.20 8.93
CA ILE A 9 2.89 4.45 7.68
C ILE A 9 3.72 3.16 7.71
N LYS A 10 4.93 3.27 8.22
CA LYS A 10 5.88 2.16 8.22
C LYS A 10 5.54 1.12 9.28
N GLU A 11 5.05 1.53 10.45
CA GLU A 11 4.66 0.56 11.46
C GLU A 11 3.49 -0.25 10.92
N ALA A 12 2.71 0.38 10.04
CA ALA A 12 1.63 -0.30 9.36
C ALA A 12 2.17 -1.16 8.23
N PHE A 13 3.31 -0.78 7.67
CA PHE A 13 3.91 -1.54 6.58
C PHE A 13 4.31 -2.94 7.06
N ASP A 14 5.06 -2.97 8.15
CA ASP A 14 5.50 -4.24 8.74
C ASP A 14 4.31 -4.99 9.33
N LEU A 15 3.22 -4.28 9.54
CA LEU A 15 1.99 -4.84 10.05
C LEU A 15 1.23 -5.54 8.93
N PHE A 16 1.34 -5.01 7.72
CA PHE A 16 0.61 -5.56 6.59
C PHE A 16 1.39 -6.67 5.91
N ASP A 17 2.72 -6.58 5.92
CA ASP A 17 3.55 -7.65 5.39
C ASP A 17 3.42 -8.88 6.26
N THR A 18 2.47 -9.71 5.90
CA THR A 18 2.27 -10.99 6.55
C THR A 18 2.78 -12.08 5.63
N ASN A 19 3.39 -11.62 4.55
CA ASN A 19 3.94 -12.47 3.53
C ASN A 19 5.30 -13.01 3.98
N LYS A 20 6.32 -12.13 3.97
CA LYS A 20 7.72 -12.47 4.29
C LYS A 20 8.68 -11.49 3.61
N THR A 21 8.25 -10.98 2.47
CA THR A 21 9.14 -10.28 1.56
C THR A 21 9.29 -8.79 1.89
N GLY A 22 8.62 -8.34 2.94
CA GLY A 22 8.73 -6.93 3.33
C GLY A 22 8.15 -6.02 2.26
N SER A 23 7.10 -6.50 1.62
CA SER A 23 6.43 -5.80 0.55
C SER A 23 5.07 -6.45 0.32
N ILE A 24 4.16 -5.75 -0.35
CA ILE A 24 2.78 -6.18 -0.38
C ILE A 24 2.41 -6.85 -1.71
N ASP A 25 1.62 -7.92 -1.61
CA ASP A 25 1.13 -8.66 -2.77
C ASP A 25 -0.33 -8.27 -3.00
N TYR A 26 -0.84 -8.49 -4.21
CA TYR A 26 -2.21 -8.08 -4.57
C TYR A 26 -3.26 -8.81 -3.73
N HIS A 27 -2.93 -10.00 -3.25
CA HIS A 27 -3.84 -10.73 -2.37
C HIS A 27 -3.78 -10.16 -0.96
N GLU A 28 -2.66 -9.54 -0.66
CA GLU A 28 -2.39 -9.01 0.67
C GLU A 28 -2.76 -7.53 0.76
N LEU A 29 -2.76 -6.88 -0.40
CA LEU A 29 -3.02 -5.44 -0.47
C LEU A 29 -4.37 -5.07 0.10
N LYS A 30 -5.38 -5.91 -0.15
CA LYS A 30 -6.73 -5.62 0.30
C LYS A 30 -6.80 -5.52 1.82
N VAL A 31 -6.00 -6.33 2.49
CA VAL A 31 -5.91 -6.28 3.95
C VAL A 31 -5.46 -4.89 4.37
N ALA A 32 -4.44 -4.40 3.69
CA ALA A 32 -3.93 -3.07 3.94
C ALA A 32 -4.98 -2.02 3.63
N MET A 33 -5.58 -2.12 2.45
CA MET A 33 -6.54 -1.13 1.97
C MET A 33 -7.71 -1.00 2.95
N ARG A 34 -8.28 -2.11 3.38
CA ARG A 34 -9.44 -2.06 4.26
C ARG A 34 -9.06 -1.55 5.65
N ALA A 35 -7.88 -1.92 6.13
CA ALA A 35 -7.40 -1.46 7.43
C ALA A 35 -7.20 0.05 7.42
N LEU A 36 -6.77 0.57 6.27
CA LEU A 36 -6.67 2.01 6.07
C LEU A 36 -8.05 2.63 6.04
N GLY A 37 -8.94 2.01 5.27
CA GLY A 37 -10.30 2.47 5.19
C GLY A 37 -10.88 2.45 3.79
N PHE A 38 -10.39 1.54 2.95
CA PHE A 38 -10.90 1.43 1.59
C PHE A 38 -11.61 0.10 1.36
N ASP A 39 -12.31 0.03 0.25
CA ASP A 39 -12.79 -1.23 -0.31
C ASP A 39 -12.83 -1.07 -1.81
N VAL A 40 -11.76 -1.48 -2.46
CA VAL A 40 -11.57 -1.22 -3.88
C VAL A 40 -11.82 -2.45 -4.72
N LYS A 41 -12.28 -3.51 -4.09
CA LYS A 41 -12.66 -4.72 -4.83
C LYS A 41 -11.48 -5.29 -5.61
N LYS A 42 -11.73 -6.24 -6.49
CA LYS A 42 -10.69 -6.80 -7.33
C LYS A 42 -10.29 -5.86 -8.47
N PRO A 43 -11.24 -5.44 -9.35
CA PRO A 43 -10.92 -4.67 -10.56
C PRO A 43 -10.22 -3.35 -10.27
N GLU A 44 -10.52 -2.75 -9.14
CA GLU A 44 -9.95 -1.47 -8.79
C GLU A 44 -8.66 -1.65 -7.99
N ILE A 45 -8.44 -2.86 -7.44
CA ILE A 45 -7.23 -3.10 -6.66
C ILE A 45 -6.09 -3.68 -7.50
N LEU A 46 -6.40 -4.54 -8.46
CA LEU A 46 -5.33 -5.10 -9.28
C LEU A 46 -4.84 -4.05 -10.25
N GLU A 47 -5.75 -3.20 -10.73
CA GLU A 47 -5.37 -2.12 -11.63
C GLU A 47 -4.53 -1.13 -10.84
N LEU A 48 -4.84 -0.99 -9.57
CA LEU A 48 -4.07 -0.13 -8.69
C LEU A 48 -2.61 -0.60 -8.68
N MET A 49 -2.40 -1.90 -8.83
CA MET A 49 -1.06 -2.46 -8.88
C MET A 49 -0.58 -2.58 -10.32
N ASN A 50 -1.43 -2.23 -11.27
CA ASN A 50 -1.06 -2.33 -12.67
C ASN A 50 -0.32 -1.08 -13.12
N GLU A 51 -0.84 0.10 -12.74
CA GLU A 51 -0.10 1.34 -12.94
C GLU A 51 1.06 1.50 -11.96
N TYR A 52 0.83 1.16 -10.69
CA TYR A 52 1.85 1.36 -9.66
C TYR A 52 2.96 0.31 -9.79
N ASP A 53 2.60 -0.95 -9.60
CA ASP A 53 3.54 -2.05 -9.83
C ASP A 53 3.52 -2.40 -11.31
N ARG A 54 4.43 -3.27 -11.72
CA ARG A 54 4.51 -3.68 -13.11
C ARG A 54 4.15 -5.14 -13.20
N GLU A 55 3.89 -5.74 -12.03
CA GLU A 55 3.64 -7.17 -11.90
C GLU A 55 4.86 -7.98 -12.33
N GLY A 56 5.96 -7.26 -12.52
CA GLY A 56 7.23 -7.87 -12.79
C GLY A 56 8.14 -7.72 -11.60
N ASN A 57 7.83 -6.70 -10.78
CA ASN A 57 8.54 -6.48 -9.53
C ASN A 57 7.96 -7.43 -8.48
N GLY A 58 6.78 -7.96 -8.79
CA GLY A 58 6.16 -8.98 -7.96
C GLY A 58 5.29 -8.40 -6.88
N TYR A 59 5.82 -7.40 -6.21
CA TYR A 59 5.16 -6.76 -5.09
C TYR A 59 5.39 -5.27 -5.16
N ILE A 60 4.68 -4.53 -4.34
CA ILE A 60 4.91 -3.10 -4.24
C ILE A 60 5.72 -2.80 -3.00
N GLY A 61 6.55 -1.78 -3.08
CA GLY A 61 7.46 -1.48 -2.00
C GLY A 61 6.98 -0.30 -1.18
N PHE A 62 7.59 -0.14 -0.02
CA PHE A 62 7.22 0.92 0.91
C PHE A 62 7.28 2.30 0.26
N ASP A 63 8.19 2.46 -0.70
CA ASP A 63 8.37 3.74 -1.37
C ASP A 63 7.12 4.10 -2.18
N ASP A 64 6.44 3.09 -2.70
CA ASP A 64 5.21 3.30 -3.47
C ASP A 64 4.01 3.27 -2.54
N PHE A 65 4.08 2.37 -1.56
CA PHE A 65 3.06 2.22 -0.53
C PHE A 65 2.81 3.54 0.19
N LEU A 66 3.89 4.27 0.39
CA LEU A 66 3.86 5.54 1.08
C LEU A 66 2.89 6.51 0.44
N ASP A 67 2.94 6.61 -0.88
CA ASP A 67 2.13 7.58 -1.60
C ASP A 67 0.65 7.23 -1.56
N ILE A 68 0.33 6.11 -0.94
CA ILE A 68 -1.05 5.65 -0.78
C ILE A 68 -1.59 6.08 0.57
N MET A 69 -0.76 5.97 1.57
CA MET A 69 -1.13 6.45 2.87
C MET A 69 -1.00 7.96 2.90
N THR A 70 -0.31 8.50 1.91
CA THR A 70 -0.35 9.92 1.64
C THR A 70 -1.34 10.23 0.53
N GLU A 71 -1.79 9.19 -0.18
CA GLU A 71 -2.64 9.37 -1.36
C GLU A 71 -3.91 10.09 -0.98
N LYS A 72 -4.65 9.47 -0.08
CA LYS A 72 -5.98 9.92 0.24
C LYS A 72 -6.00 11.32 0.89
N ILE A 73 -4.86 11.74 1.46
CA ILE A 73 -4.78 13.07 2.08
C ILE A 73 -4.20 14.12 1.13
N LYS A 74 -3.27 13.71 0.28
CA LYS A 74 -2.65 14.62 -0.68
C LYS A 74 -3.63 14.92 -1.80
N ASN A 75 -4.42 13.91 -2.14
CA ASN A 75 -5.49 14.06 -3.11
C ASN A 75 -6.82 14.09 -2.37
N ARG A 76 -6.79 14.63 -1.15
CA ARG A 76 -7.98 14.67 -0.30
C ARG A 76 -9.00 15.66 -0.85
N ASP A 77 -8.53 16.55 -1.71
CA ASP A 77 -9.32 17.67 -2.18
C ASP A 77 -9.66 17.50 -3.65
N LEU A 1 7.90 14.65 4.55
CA LEU A 1 7.45 13.61 5.50
C LEU A 1 8.29 13.64 6.76
N SER A 2 7.66 13.29 7.88
CA SER A 2 8.37 13.23 9.14
C SER A 2 8.30 11.81 9.70
N GLU A 3 9.11 11.54 10.73
CA GLU A 3 9.16 10.21 11.31
C GLU A 3 7.82 9.83 11.94
N GLU A 4 7.06 10.83 12.34
CA GLU A 4 5.69 10.62 12.83
C GLU A 4 4.88 9.78 11.84
N GLN A 5 5.00 10.14 10.57
CA GLN A 5 4.30 9.48 9.50
C GLN A 5 4.91 8.12 9.24
N LYS A 6 6.22 8.05 9.43
CA LYS A 6 6.94 6.81 9.27
C LYS A 6 6.58 5.83 10.36
N GLN A 7 6.17 6.34 11.50
CA GLN A 7 5.74 5.49 12.58
C GLN A 7 4.44 4.77 12.22
N GLU A 8 3.49 5.48 11.61
CA GLU A 8 2.25 4.84 11.21
C GLU A 8 2.43 4.04 9.92
N ILE A 9 2.94 4.70 8.89
CA ILE A 9 3.10 4.07 7.57
C ILE A 9 4.01 2.86 7.62
N LYS A 10 5.24 3.06 8.05
CA LYS A 10 6.26 2.04 7.95
C LYS A 10 6.01 0.90 8.92
N GLU A 11 5.52 1.20 10.11
CA GLU A 11 5.19 0.15 11.08
C GLU A 11 4.06 -0.71 10.53
N ALA A 12 3.15 -0.08 9.81
CA ALA A 12 2.06 -0.80 9.17
C ALA A 12 2.57 -1.62 8.00
N PHE A 13 3.67 -1.19 7.39
CA PHE A 13 4.25 -1.90 6.27
C PHE A 13 4.69 -3.29 6.72
N ASP A 14 5.35 -3.35 7.87
CA ASP A 14 5.76 -4.63 8.45
C ASP A 14 4.53 -5.44 8.85
N LEU A 15 3.52 -4.73 9.32
CA LEU A 15 2.27 -5.34 9.76
C LEU A 15 1.57 -6.05 8.60
N PHE A 16 1.37 -5.35 7.51
CA PHE A 16 0.65 -5.91 6.37
C PHE A 16 1.47 -6.96 5.65
N ASP A 17 2.80 -6.83 5.69
CA ASP A 17 3.66 -7.88 5.19
C ASP A 17 3.54 -9.09 6.10
N THR A 18 2.59 -9.95 5.78
CA THR A 18 2.32 -11.14 6.55
C THR A 18 3.08 -12.32 5.97
N ASN A 19 3.84 -12.05 4.91
CA ASN A 19 4.65 -13.06 4.28
C ASN A 19 6.07 -13.00 4.81
N LYS A 20 6.83 -11.98 4.36
CA LYS A 20 8.27 -11.83 4.68
C LYS A 20 8.98 -11.06 3.58
N THR A 21 8.38 -11.05 2.40
CA THR A 21 9.01 -10.52 1.20
C THR A 21 9.25 -9.00 1.28
N GLY A 22 8.75 -8.36 2.34
CA GLY A 22 8.96 -6.94 2.51
C GLY A 22 8.34 -6.14 1.37
N SER A 23 7.24 -6.67 0.85
CA SER A 23 6.54 -6.08 -0.26
C SER A 23 5.09 -6.55 -0.24
N ILE A 24 4.19 -5.71 -0.73
CA ILE A 24 2.77 -5.98 -0.61
C ILE A 24 2.20 -6.42 -1.95
N ASP A 25 1.45 -7.52 -1.96
CA ASP A 25 0.70 -7.90 -3.14
C ASP A 25 -0.79 -7.78 -2.83
N TYR A 26 -1.60 -7.86 -3.87
CA TYR A 26 -3.03 -7.57 -3.77
C TYR A 26 -3.77 -8.46 -2.77
N HIS A 27 -3.15 -9.54 -2.29
CA HIS A 27 -3.83 -10.40 -1.34
C HIS A 27 -3.84 -9.79 0.06
N GLU A 28 -2.71 -9.22 0.51
CA GLU A 28 -2.71 -8.55 1.81
C GLU A 28 -2.92 -7.05 1.65
N LEU A 29 -2.93 -6.58 0.41
CA LEU A 29 -3.23 -5.18 0.15
C LEU A 29 -4.65 -4.85 0.60
N LYS A 30 -5.53 -5.83 0.53
CA LYS A 30 -6.93 -5.66 0.90
C LYS A 30 -7.08 -5.16 2.34
N VAL A 31 -6.34 -5.76 3.26
CA VAL A 31 -6.44 -5.38 4.67
C VAL A 31 -5.83 -3.99 4.89
N ALA A 32 -4.86 -3.64 4.06
CA ALA A 32 -4.26 -2.31 4.13
C ALA A 32 -5.24 -1.26 3.66
N MET A 33 -5.89 -1.55 2.55
CA MET A 33 -6.89 -0.66 1.97
C MET A 33 -8.04 -0.45 2.95
N ARG A 34 -8.46 -1.53 3.59
CA ARG A 34 -9.54 -1.48 4.57
C ARG A 34 -9.12 -0.71 5.82
N ALA A 35 -7.91 -0.98 6.30
CA ALA A 35 -7.38 -0.31 7.49
C ALA A 35 -7.38 1.21 7.32
N LEU A 36 -7.14 1.66 6.10
CA LEU A 36 -7.21 3.08 5.79
C LEU A 36 -8.66 3.51 5.59
N GLY A 37 -9.38 2.72 4.81
CA GLY A 37 -10.77 2.99 4.57
C GLY A 37 -11.10 3.16 3.10
N PHE A 38 -10.71 2.20 2.29
CA PHE A 38 -11.01 2.22 0.86
C PHE A 38 -12.03 1.16 0.50
N ASP A 39 -12.86 1.48 -0.48
CA ASP A 39 -13.74 0.51 -1.10
C ASP A 39 -13.49 0.50 -2.60
N VAL A 40 -12.53 -0.33 -3.01
CA VAL A 40 -12.08 -0.36 -4.40
C VAL A 40 -12.50 -1.65 -5.08
N LYS A 41 -12.82 -2.67 -4.29
CA LYS A 41 -13.25 -3.96 -4.82
C LYS A 41 -12.11 -4.63 -5.58
N LYS A 42 -12.38 -5.77 -6.18
CA LYS A 42 -11.36 -6.51 -6.93
C LYS A 42 -10.83 -5.71 -8.13
N PRO A 43 -11.71 -5.26 -9.06
CA PRO A 43 -11.30 -4.61 -10.32
C PRO A 43 -10.31 -3.45 -10.12
N GLU A 44 -10.57 -2.61 -9.14
CA GLU A 44 -9.77 -1.40 -8.97
C GLU A 44 -8.60 -1.62 -8.01
N ILE A 45 -8.53 -2.78 -7.39
CA ILE A 45 -7.45 -3.04 -6.44
C ILE A 45 -6.24 -3.67 -7.14
N LEU A 46 -6.46 -4.63 -8.04
CA LEU A 46 -5.34 -5.24 -8.73
C LEU A 46 -4.80 -4.27 -9.79
N GLU A 47 -5.70 -3.48 -10.39
CA GLU A 47 -5.29 -2.48 -11.36
C GLU A 47 -4.51 -1.39 -10.64
N LEU A 48 -4.82 -1.21 -9.36
CA LEU A 48 -4.09 -0.26 -8.55
C LEU A 48 -2.63 -0.65 -8.52
N MET A 49 -2.37 -1.94 -8.60
CA MET A 49 -1.01 -2.45 -8.54
C MET A 49 -0.48 -2.65 -9.93
N ASN A 50 -1.38 -2.92 -10.85
CA ASN A 50 -1.02 -3.12 -12.24
C ASN A 50 -0.46 -1.82 -12.81
N GLU A 51 -1.13 -0.71 -12.51
CA GLU A 51 -0.66 0.62 -12.89
C GLU A 51 0.63 1.01 -12.17
N TYR A 52 0.73 0.65 -10.89
CA TYR A 52 1.85 1.12 -10.05
C TYR A 52 3.08 0.21 -10.15
N ASP A 53 2.85 -1.08 -10.27
CA ASP A 53 3.95 -2.03 -10.34
C ASP A 53 4.59 -2.00 -11.73
N ARG A 54 5.72 -2.67 -11.86
CA ARG A 54 6.51 -2.68 -13.09
C ARG A 54 5.72 -3.24 -14.27
N GLU A 55 5.66 -4.57 -14.38
CA GLU A 55 4.95 -5.22 -15.47
C GLU A 55 4.05 -6.32 -14.94
N GLY A 56 4.08 -6.54 -13.63
CA GLY A 56 3.37 -7.64 -13.05
C GLY A 56 4.28 -8.53 -12.24
N ASN A 57 5.11 -7.91 -11.42
CA ASN A 57 5.99 -8.64 -10.51
C ASN A 57 5.13 -9.31 -9.46
N GLY A 58 4.00 -8.69 -9.18
CA GLY A 58 3.05 -9.25 -8.24
C GLY A 58 2.94 -8.41 -6.99
N TYR A 59 4.02 -7.72 -6.66
CA TYR A 59 4.08 -6.95 -5.42
C TYR A 59 4.53 -5.53 -5.69
N ILE A 60 4.36 -4.68 -4.69
CA ILE A 60 4.83 -3.31 -4.74
C ILE A 60 5.81 -3.06 -3.61
N GLY A 61 6.55 -1.97 -3.69
CA GLY A 61 7.55 -1.67 -2.70
C GLY A 61 7.09 -0.62 -1.72
N PHE A 62 7.82 -0.47 -0.61
CA PHE A 62 7.47 0.50 0.40
C PHE A 62 7.42 1.91 -0.19
N ASP A 63 8.30 2.19 -1.13
CA ASP A 63 8.33 3.49 -1.80
C ASP A 63 7.01 3.75 -2.52
N ASP A 64 6.39 2.68 -3.00
CA ASP A 64 5.13 2.78 -3.73
C ASP A 64 3.95 2.74 -2.77
N PHE A 65 4.24 2.40 -1.51
CA PHE A 65 3.22 2.25 -0.49
C PHE A 65 3.13 3.54 0.31
N LEU A 66 4.30 4.10 0.49
CA LEU A 66 4.50 5.32 1.23
C LEU A 66 3.65 6.45 0.69
N ASP A 67 3.62 6.57 -0.63
CA ASP A 67 2.88 7.66 -1.26
C ASP A 67 1.39 7.38 -1.26
N ILE A 68 0.99 6.24 -0.69
CA ILE A 68 -0.42 5.86 -0.58
C ILE A 68 -0.96 6.24 0.77
N MET A 69 -0.19 5.98 1.79
CA MET A 69 -0.53 6.46 3.11
C MET A 69 -0.28 7.95 3.18
N THR A 70 0.37 8.47 2.15
CA THR A 70 0.40 9.91 1.91
C THR A 70 -0.63 10.30 0.86
N GLU A 71 -0.99 9.34 0.01
CA GLU A 71 -1.92 9.57 -1.10
C GLU A 71 -3.17 10.27 -0.61
N LYS A 72 -3.79 9.67 0.38
CA LYS A 72 -5.10 10.09 0.80
C LYS A 72 -5.09 11.39 1.63
N ILE A 73 -3.91 11.93 1.94
CA ILE A 73 -3.86 13.24 2.61
C ILE A 73 -3.60 14.40 1.65
N LYS A 74 -2.65 14.25 0.72
CA LYS A 74 -2.32 15.34 -0.20
C LYS A 74 -3.12 15.27 -1.49
N ASN A 75 -3.73 14.13 -1.74
CA ASN A 75 -4.72 14.01 -2.80
C ASN A 75 -6.05 13.71 -2.14
N ARG A 76 -6.12 14.09 -0.87
CA ARG A 76 -7.28 13.89 -0.04
C ARG A 76 -8.54 14.43 -0.72
N ASP A 77 -8.41 15.63 -1.26
CA ASP A 77 -9.53 16.35 -1.80
C ASP A 77 -9.34 16.64 -3.28
N LEU A 1 7.60 15.14 4.77
CA LEU A 1 6.91 14.24 5.70
C LEU A 1 7.73 14.06 6.97
N SER A 2 7.11 14.34 8.11
CA SER A 2 7.79 14.19 9.38
C SER A 2 8.01 12.72 9.70
N GLU A 3 8.99 12.44 10.56
CA GLU A 3 9.36 11.07 10.91
C GLU A 3 8.20 10.32 11.55
N GLU A 4 7.31 11.06 12.20
CA GLU A 4 6.13 10.51 12.82
C GLU A 4 5.27 9.75 11.81
N GLN A 5 5.11 10.33 10.62
CA GLN A 5 4.34 9.70 9.55
C GLN A 5 5.02 8.41 9.12
N LYS A 6 6.34 8.47 8.96
CA LYS A 6 7.13 7.31 8.54
C LYS A 6 6.89 6.15 9.47
N GLN A 7 6.90 6.45 10.77
CA GLN A 7 6.70 5.45 11.80
C GLN A 7 5.45 4.63 11.54
N GLU A 8 4.32 5.29 11.26
CA GLU A 8 3.08 4.60 10.94
C GLU A 8 3.23 3.82 9.63
N ILE A 9 4.04 4.36 8.74
CA ILE A 9 4.24 3.77 7.42
C ILE A 9 4.99 2.44 7.51
N LYS A 10 6.13 2.40 8.19
CA LYS A 10 6.87 1.14 8.34
C LYS A 10 6.05 0.19 9.20
N GLU A 11 5.31 0.78 10.13
CA GLU A 11 4.47 0.05 11.06
C GLU A 11 3.45 -0.78 10.30
N ALA A 12 2.73 -0.14 9.39
CA ALA A 12 1.77 -0.83 8.55
C ALA A 12 2.49 -1.71 7.53
N PHE A 13 3.61 -1.22 7.03
CA PHE A 13 4.44 -1.95 6.09
C PHE A 13 4.80 -3.33 6.63
N ASP A 14 5.39 -3.35 7.81
CA ASP A 14 5.84 -4.59 8.44
C ASP A 14 4.64 -5.47 8.80
N LEU A 15 3.55 -4.82 9.16
CA LEU A 15 2.33 -5.52 9.53
C LEU A 15 1.73 -6.26 8.33
N PHE A 16 1.62 -5.56 7.20
CA PHE A 16 0.96 -6.11 6.03
C PHE A 16 1.83 -7.11 5.30
N ASP A 17 3.15 -6.98 5.41
CA ASP A 17 4.05 -7.94 4.79
C ASP A 17 4.03 -9.24 5.59
N THR A 18 3.11 -10.12 5.22
CA THR A 18 2.98 -11.40 5.88
C THR A 18 3.74 -12.48 5.12
N ASN A 19 4.52 -12.03 4.13
CA ASN A 19 5.34 -12.92 3.32
C ASN A 19 6.79 -12.85 3.80
N LYS A 20 7.14 -11.70 4.35
CA LYS A 20 8.49 -11.40 4.82
C LYS A 20 9.44 -11.30 3.62
N THR A 21 9.37 -10.17 2.93
CA THR A 21 10.19 -9.94 1.76
C THR A 21 10.35 -8.45 1.49
N GLY A 22 9.67 -7.63 2.30
CA GLY A 22 9.73 -6.20 2.12
C GLY A 22 8.87 -5.76 0.94
N SER A 23 7.80 -6.50 0.70
CA SER A 23 6.92 -6.23 -0.42
C SER A 23 5.53 -6.81 -0.16
N ILE A 24 4.49 -6.07 -0.51
CA ILE A 24 3.11 -6.51 -0.31
C ILE A 24 2.48 -6.86 -1.64
N ASP A 25 1.70 -7.94 -1.66
CA ASP A 25 1.04 -8.41 -2.87
C ASP A 25 -0.42 -7.99 -2.83
N TYR A 26 -1.12 -8.06 -3.94
CA TYR A 26 -2.54 -7.72 -3.96
C TYR A 26 -3.33 -8.69 -3.08
N HIS A 27 -2.72 -9.84 -2.80
CA HIS A 27 -3.26 -10.78 -1.83
C HIS A 27 -3.41 -10.09 -0.47
N GLU A 28 -2.34 -9.44 -0.02
CA GLU A 28 -2.35 -8.68 1.24
C GLU A 28 -3.03 -7.33 1.07
N LEU A 29 -2.94 -6.77 -0.14
CA LEU A 29 -3.39 -5.42 -0.41
C LEU A 29 -4.87 -5.26 -0.03
N LYS A 30 -5.67 -6.29 -0.25
CA LYS A 30 -7.10 -6.21 0.05
C LYS A 30 -7.33 -5.94 1.54
N VAL A 31 -6.40 -6.40 2.37
CA VAL A 31 -6.45 -6.12 3.80
C VAL A 31 -5.79 -4.78 4.07
N ALA A 32 -4.70 -4.52 3.37
CA ALA A 32 -3.96 -3.28 3.51
C ALA A 32 -4.83 -2.06 3.19
N MET A 33 -5.39 -2.04 1.98
CA MET A 33 -6.22 -0.92 1.55
C MET A 33 -7.46 -0.79 2.41
N ARG A 34 -7.93 -1.92 2.93
CA ARG A 34 -9.08 -1.94 3.82
C ARG A 34 -8.75 -1.20 5.11
N ALA A 35 -7.65 -1.57 5.73
CA ALA A 35 -7.21 -0.94 6.98
C ALA A 35 -6.95 0.55 6.77
N LEU A 36 -6.43 0.90 5.59
CA LEU A 36 -6.21 2.29 5.24
C LEU A 36 -7.53 3.02 5.12
N GLY A 37 -8.46 2.43 4.39
CA GLY A 37 -9.78 2.97 4.30
C GLY A 37 -10.10 3.58 2.94
N PHE A 38 -10.26 2.72 1.94
CA PHE A 38 -10.72 3.17 0.62
C PHE A 38 -11.97 2.41 0.23
N ASP A 39 -12.49 2.72 -0.95
CA ASP A 39 -13.62 1.99 -1.50
C ASP A 39 -13.41 1.83 -3.01
N VAL A 40 -12.84 0.70 -3.40
CA VAL A 40 -12.32 0.53 -4.75
C VAL A 40 -13.00 -0.62 -5.50
N LYS A 41 -13.72 -1.48 -4.78
CA LYS A 41 -14.33 -2.67 -5.38
C LYS A 41 -13.25 -3.64 -5.86
N LYS A 42 -13.66 -4.63 -6.63
CA LYS A 42 -12.75 -5.63 -7.17
C LYS A 42 -11.85 -5.08 -8.29
N PRO A 43 -12.41 -4.43 -9.34
CA PRO A 43 -11.62 -4.02 -10.51
C PRO A 43 -10.51 -3.03 -10.17
N GLU A 44 -10.80 -2.12 -9.26
CA GLU A 44 -9.84 -1.08 -8.93
C GLU A 44 -8.88 -1.53 -7.83
N ILE A 45 -9.22 -2.57 -7.08
CA ILE A 45 -8.40 -2.96 -5.93
C ILE A 45 -7.09 -3.60 -6.38
N LEU A 46 -7.14 -4.50 -7.34
CA LEU A 46 -5.93 -5.13 -7.83
C LEU A 46 -5.16 -4.17 -8.71
N GLU A 47 -5.88 -3.35 -9.48
CA GLU A 47 -5.24 -2.40 -10.37
C GLU A 47 -4.60 -1.29 -9.55
N LEU A 48 -5.18 -1.02 -8.38
CA LEU A 48 -4.65 -0.02 -7.49
C LEU A 48 -3.19 -0.32 -7.20
N MET A 49 -2.91 -1.58 -6.89
CA MET A 49 -1.56 -1.95 -6.57
C MET A 49 -0.82 -2.30 -7.84
N ASN A 50 -1.55 -2.65 -8.89
CA ASN A 50 -0.94 -3.05 -10.15
C ASN A 50 -0.33 -1.86 -10.86
N GLU A 51 -0.94 -0.69 -10.70
CA GLU A 51 -0.33 0.53 -11.16
C GLU A 51 0.96 0.84 -10.37
N TYR A 52 0.95 0.58 -9.07
CA TYR A 52 2.07 0.94 -8.21
C TYR A 52 3.06 -0.21 -7.95
N ASP A 53 2.76 -1.41 -8.45
CA ASP A 53 3.57 -2.60 -8.14
C ASP A 53 4.77 -2.72 -9.07
N ARG A 54 5.27 -1.58 -9.55
CA ARG A 54 6.34 -1.54 -10.53
C ARG A 54 5.80 -2.00 -11.91
N GLU A 55 4.48 -1.88 -12.05
CA GLU A 55 3.79 -2.03 -13.34
C GLU A 55 3.73 -3.49 -13.80
N GLY A 56 3.75 -4.42 -12.86
CA GLY A 56 3.71 -5.81 -13.20
C GLY A 56 4.81 -6.61 -12.54
N ASN A 57 4.74 -6.70 -11.22
CA ASN A 57 5.68 -7.50 -10.45
C ASN A 57 4.91 -8.48 -9.59
N GLY A 58 3.77 -8.03 -9.09
CA GLY A 58 2.98 -8.83 -8.18
C GLY A 58 2.94 -8.19 -6.82
N TYR A 59 4.05 -7.60 -6.42
CA TYR A 59 4.14 -6.93 -5.13
C TYR A 59 4.58 -5.49 -5.31
N ILE A 60 4.40 -4.71 -4.27
CA ILE A 60 4.84 -3.33 -4.24
C ILE A 60 6.09 -3.21 -3.38
N GLY A 61 6.77 -2.08 -3.49
CA GLY A 61 7.91 -1.81 -2.65
C GLY A 61 7.55 -0.83 -1.55
N PHE A 62 8.38 -0.72 -0.53
CA PHE A 62 8.12 0.19 0.57
C PHE A 62 8.06 1.64 0.07
N ASP A 63 8.91 1.96 -0.90
CA ASP A 63 8.96 3.29 -1.48
C ASP A 63 7.61 3.64 -2.11
N ASP A 64 6.97 2.64 -2.71
CA ASP A 64 5.66 2.82 -3.34
C ASP A 64 4.56 2.81 -2.30
N PHE A 65 4.75 2.01 -1.26
CA PHE A 65 3.79 1.89 -0.17
C PHE A 65 3.61 3.22 0.51
N LEU A 66 4.70 3.96 0.56
CA LEU A 66 4.74 5.26 1.20
C LEU A 66 3.77 6.23 0.57
N ASP A 67 3.77 6.28 -0.75
CA ASP A 67 2.90 7.20 -1.49
C ASP A 67 1.44 6.78 -1.40
N ILE A 68 1.19 5.65 -0.74
CA ILE A 68 -0.16 5.17 -0.51
C ILE A 68 -0.64 5.61 0.86
N MET A 69 0.30 5.75 1.77
CA MET A 69 0.02 6.30 3.07
C MET A 69 -0.15 7.79 2.93
N THR A 70 0.48 8.33 1.89
CA THR A 70 0.28 9.72 1.52
C THR A 70 -0.75 9.85 0.41
N GLU A 71 -1.11 8.71 -0.19
CA GLU A 71 -2.01 8.71 -1.35
C GLU A 71 -3.26 9.50 -1.06
N LYS A 72 -3.95 9.07 -0.04
CA LYS A 72 -5.28 9.56 0.21
C LYS A 72 -5.30 10.97 0.81
N ILE A 73 -4.12 11.52 1.14
CA ILE A 73 -4.08 12.89 1.67
C ILE A 73 -3.72 13.94 0.61
N LYS A 74 -2.67 13.68 -0.19
CA LYS A 74 -2.25 14.66 -1.19
C LYS A 74 -3.06 14.51 -2.47
N ASN A 75 -3.70 13.36 -2.60
CA ASN A 75 -4.67 13.14 -3.66
C ASN A 75 -6.00 12.81 -2.99
N ARG A 76 -6.24 13.47 -1.87
CA ARG A 76 -7.46 13.30 -1.12
C ARG A 76 -8.66 13.70 -1.98
N ASP A 77 -8.43 14.65 -2.87
CA ASP A 77 -9.44 15.11 -3.79
C ASP A 77 -8.96 14.96 -5.22
N LEU A 1 7.25 15.53 5.84
CA LEU A 1 6.67 14.49 6.73
C LEU A 1 7.46 14.38 8.02
N SER A 2 6.76 14.40 9.15
CA SER A 2 7.39 14.21 10.44
C SER A 2 7.91 12.77 10.56
N GLU A 3 8.76 12.52 11.55
CA GLU A 3 9.32 11.19 11.73
C GLU A 3 8.30 10.27 12.38
N GLU A 4 7.36 10.84 13.14
CA GLU A 4 6.22 10.10 13.65
C GLU A 4 5.36 9.60 12.49
N GLN A 5 5.28 10.42 11.45
CA GLN A 5 4.59 10.06 10.23
C GLN A 5 5.27 8.85 9.60
N LYS A 6 6.58 8.92 9.56
CA LYS A 6 7.40 7.89 8.96
C LYS A 6 7.38 6.60 9.74
N GLN A 7 7.43 6.70 11.06
CA GLN A 7 7.54 5.52 11.89
C GLN A 7 6.32 4.62 11.71
N GLU A 8 5.18 5.24 11.48
CA GLU A 8 3.95 4.51 11.21
C GLU A 8 4.02 3.85 9.85
N ILE A 9 4.60 4.55 8.88
CA ILE A 9 4.71 4.06 7.51
C ILE A 9 5.47 2.73 7.44
N LYS A 10 6.67 2.68 8.00
CA LYS A 10 7.49 1.47 7.93
C LYS A 10 6.78 0.35 8.68
N GLU A 11 6.04 0.73 9.69
CA GLU A 11 5.47 -0.22 10.60
C GLU A 11 4.15 -0.78 10.07
N ALA A 12 3.38 0.06 9.39
CA ALA A 12 2.19 -0.41 8.68
C ALA A 12 2.62 -1.26 7.49
N PHE A 13 3.69 -0.84 6.85
CA PHE A 13 4.32 -1.59 5.79
C PHE A 13 4.74 -2.97 6.28
N ASP A 14 5.36 -2.99 7.45
CA ASP A 14 5.77 -4.24 8.08
C ASP A 14 4.56 -5.05 8.55
N LEU A 15 3.59 -4.33 9.09
CA LEU A 15 2.35 -4.92 9.57
C LEU A 15 1.67 -5.71 8.48
N PHE A 16 1.33 -5.01 7.41
CA PHE A 16 0.49 -5.57 6.38
C PHE A 16 1.20 -6.69 5.64
N ASP A 17 2.54 -6.58 5.56
CA ASP A 17 3.36 -7.62 4.97
C ASP A 17 3.32 -8.87 5.84
N THR A 18 2.42 -9.77 5.48
CA THR A 18 2.21 -10.98 6.25
C THR A 18 3.15 -12.08 5.78
N ASN A 19 3.80 -11.84 4.65
CA ASN A 19 4.74 -12.79 4.08
C ASN A 19 6.14 -12.54 4.64
N LYS A 20 6.33 -11.33 5.14
CA LYS A 20 7.62 -10.89 5.68
C LYS A 20 8.65 -10.82 4.56
N THR A 21 8.16 -10.53 3.36
CA THR A 21 9.02 -10.50 2.19
C THR A 21 9.50 -9.07 1.92
N GLY A 22 8.97 -8.12 2.68
CA GLY A 22 9.36 -6.73 2.53
C GLY A 22 8.72 -6.08 1.32
N SER A 23 7.60 -6.64 0.90
CA SER A 23 6.88 -6.16 -0.28
C SER A 23 5.44 -6.61 -0.21
N ILE A 24 4.52 -5.83 -0.77
CA ILE A 24 3.10 -6.15 -0.69
C ILE A 24 2.57 -6.72 -2.00
N ASP A 25 1.69 -7.71 -1.88
CA ASP A 25 1.06 -8.36 -3.04
C ASP A 25 -0.36 -7.83 -3.20
N TYR A 26 -0.95 -8.00 -4.38
CA TYR A 26 -2.29 -7.46 -4.64
C TYR A 26 -3.35 -8.15 -3.78
N HIS A 27 -3.14 -9.42 -3.46
CA HIS A 27 -4.05 -10.16 -2.61
C HIS A 27 -3.87 -9.69 -1.17
N GLU A 28 -2.66 -9.29 -0.86
CA GLU A 28 -2.30 -8.82 0.46
C GLU A 28 -2.72 -7.36 0.65
N LEU A 29 -2.74 -6.63 -0.47
CA LEU A 29 -3.17 -5.24 -0.48
C LEU A 29 -4.62 -5.12 -0.01
N LYS A 30 -5.38 -6.18 -0.19
CA LYS A 30 -6.80 -6.17 0.12
C LYS A 30 -7.05 -5.87 1.60
N VAL A 31 -6.21 -6.40 2.49
CA VAL A 31 -6.38 -6.16 3.92
C VAL A 31 -5.88 -4.76 4.28
N ALA A 32 -4.90 -4.27 3.52
CA ALA A 32 -4.41 -2.93 3.71
C ALA A 32 -5.45 -1.91 3.31
N MET A 33 -6.00 -2.09 2.11
CA MET A 33 -7.02 -1.20 1.58
C MET A 33 -8.22 -1.14 2.51
N ARG A 34 -8.54 -2.28 3.12
CA ARG A 34 -9.63 -2.36 4.09
C ARG A 34 -9.32 -1.50 5.32
N ALA A 35 -8.16 -1.74 5.92
CA ALA A 35 -7.79 -1.05 7.16
C ALA A 35 -7.60 0.45 6.94
N LEU A 36 -7.04 0.81 5.79
CA LEU A 36 -6.86 2.22 5.44
C LEU A 36 -8.20 2.88 5.19
N GLY A 37 -9.07 2.14 4.52
CA GLY A 37 -10.40 2.63 4.25
C GLY A 37 -10.63 3.01 2.81
N PHE A 38 -10.45 2.04 1.91
CA PHE A 38 -10.73 2.25 0.50
C PHE A 38 -11.82 1.30 0.04
N ASP A 39 -12.58 1.70 -0.97
CA ASP A 39 -13.60 0.85 -1.54
C ASP A 39 -13.31 0.62 -3.02
N VAL A 40 -12.45 -0.35 -3.30
CA VAL A 40 -12.04 -0.64 -4.66
C VAL A 40 -12.50 -2.03 -5.11
N LYS A 41 -12.88 -2.87 -4.14
CA LYS A 41 -13.35 -4.22 -4.42
C LYS A 41 -12.30 -5.02 -5.20
N LYS A 42 -12.70 -6.12 -5.83
CA LYS A 42 -11.75 -7.00 -6.50
C LYS A 42 -11.18 -6.39 -7.79
N PRO A 43 -12.03 -6.04 -8.79
CA PRO A 43 -11.55 -5.61 -10.12
C PRO A 43 -10.64 -4.38 -10.06
N GLU A 44 -10.92 -3.45 -9.15
CA GLU A 44 -10.16 -2.23 -9.07
C GLU A 44 -8.93 -2.40 -8.18
N ILE A 45 -8.88 -3.48 -7.40
CA ILE A 45 -7.80 -3.64 -6.44
C ILE A 45 -6.57 -4.29 -7.07
N LEU A 46 -6.76 -5.26 -7.97
CA LEU A 46 -5.62 -5.90 -8.61
C LEU A 46 -5.10 -5.00 -9.74
N GLU A 47 -6.01 -4.29 -10.39
CA GLU A 47 -5.62 -3.36 -11.44
C GLU A 47 -4.93 -2.16 -10.80
N LEU A 48 -5.31 -1.87 -9.56
CA LEU A 48 -4.63 -0.84 -8.80
C LEU A 48 -3.17 -1.20 -8.64
N MET A 49 -2.90 -2.50 -8.57
CA MET A 49 -1.54 -2.98 -8.48
C MET A 49 -0.89 -2.97 -9.84
N ASN A 50 -1.64 -3.39 -10.85
CA ASN A 50 -1.12 -3.40 -12.21
C ASN A 50 -0.74 -1.97 -12.65
N GLU A 51 -1.58 -1.01 -12.30
CA GLU A 51 -1.26 0.42 -12.46
C GLU A 51 0.05 0.81 -11.77
N TYR A 52 0.21 0.37 -10.52
CA TYR A 52 1.29 0.89 -9.66
C TYR A 52 2.54 0.01 -9.69
N ASP A 53 2.41 -1.24 -10.13
CA ASP A 53 3.51 -2.19 -10.05
C ASP A 53 4.56 -1.91 -11.12
N ARG A 54 5.62 -2.73 -11.14
CA ARG A 54 6.76 -2.49 -12.00
C ARG A 54 6.47 -2.87 -13.46
N GLU A 55 5.79 -3.99 -13.67
CA GLU A 55 5.63 -4.54 -15.02
C GLU A 55 4.70 -5.76 -15.06
N GLY A 56 4.58 -6.48 -13.95
CA GLY A 56 3.82 -7.72 -13.96
C GLY A 56 3.40 -8.14 -12.57
N ASN A 57 2.76 -7.21 -11.87
CA ASN A 57 2.28 -7.40 -10.50
C ASN A 57 3.44 -7.61 -9.55
N GLY A 58 3.83 -8.87 -9.34
CA GLY A 58 4.85 -9.18 -8.38
C GLY A 58 4.52 -8.62 -7.01
N TYR A 59 5.20 -7.53 -6.66
CA TYR A 59 4.94 -6.82 -5.43
C TYR A 59 5.28 -5.35 -5.63
N ILE A 60 4.88 -4.53 -4.68
CA ILE A 60 5.28 -3.13 -4.65
C ILE A 60 6.37 -2.92 -3.63
N GLY A 61 7.12 -1.85 -3.77
CA GLY A 61 8.19 -1.56 -2.84
C GLY A 61 7.81 -0.47 -1.86
N PHE A 62 8.58 -0.35 -0.80
CA PHE A 62 8.31 0.64 0.22
C PHE A 62 8.32 2.05 -0.36
N ASP A 63 9.19 2.28 -1.33
CA ASP A 63 9.32 3.58 -1.97
C ASP A 63 7.99 4.04 -2.57
N ASP A 64 7.23 3.10 -3.14
CA ASP A 64 5.96 3.44 -3.76
C ASP A 64 4.87 3.45 -2.71
N PHE A 65 5.08 2.67 -1.65
CA PHE A 65 4.12 2.54 -0.56
C PHE A 65 3.96 3.86 0.17
N LEU A 66 5.07 4.57 0.28
CA LEU A 66 5.12 5.84 0.96
C LEU A 66 4.16 6.82 0.32
N ASP A 67 4.19 6.87 -1.00
CA ASP A 67 3.37 7.80 -1.74
C ASP A 67 1.90 7.46 -1.67
N ILE A 68 1.58 6.35 -1.02
CA ILE A 68 0.20 5.90 -0.82
C ILE A 68 -0.32 6.33 0.53
N MET A 69 0.51 6.13 1.53
CA MET A 69 0.20 6.64 2.85
C MET A 69 0.15 8.15 2.80
N THR A 70 0.82 8.71 1.80
CA THR A 70 0.71 10.13 1.53
C THR A 70 -0.33 10.41 0.44
N GLU A 71 -0.58 9.42 -0.43
CA GLU A 71 -1.46 9.60 -1.59
C GLU A 71 -2.77 10.23 -1.20
N LYS A 72 -3.45 9.58 -0.27
CA LYS A 72 -4.81 9.94 0.04
C LYS A 72 -4.92 11.11 1.03
N ILE A 73 -3.79 11.59 1.56
CA ILE A 73 -3.84 12.70 2.52
C ILE A 73 -3.57 14.06 1.89
N LYS A 74 -2.53 14.17 1.06
CA LYS A 74 -2.21 15.45 0.43
C LYS A 74 -3.06 15.67 -0.80
N ASN A 75 -3.68 14.59 -1.25
CA ASN A 75 -4.66 14.66 -2.32
C ASN A 75 -5.98 14.16 -1.77
N ARG A 76 -6.18 14.44 -0.48
CA ARG A 76 -7.38 14.00 0.21
C ARG A 76 -8.58 14.77 -0.35
N ASP A 77 -8.31 15.97 -0.84
CA ASP A 77 -9.33 16.84 -1.40
C ASP A 77 -8.90 17.27 -2.80
N LEU A 1 8.79 14.63 4.91
CA LEU A 1 7.65 14.07 5.64
C LEU A 1 8.01 13.89 7.11
N SER A 2 6.99 13.82 7.96
CA SER A 2 7.21 13.57 9.37
C SER A 2 7.59 12.10 9.59
N GLU A 3 8.49 11.84 10.52
CA GLU A 3 8.93 10.48 10.79
C GLU A 3 7.86 9.73 11.58
N GLU A 4 7.04 10.47 12.32
CA GLU A 4 5.89 9.87 13.00
C GLU A 4 4.95 9.25 11.98
N GLN A 5 4.83 9.92 10.83
CA GLN A 5 4.09 9.40 9.71
C GLN A 5 4.72 8.11 9.24
N LYS A 6 6.03 8.16 9.08
CA LYS A 6 6.79 7.04 8.59
C LYS A 6 6.71 5.84 9.51
N GLN A 7 6.71 6.08 10.81
CA GLN A 7 6.60 5.00 11.78
C GLN A 7 5.34 4.18 11.51
N GLU A 8 4.23 4.88 11.32
CA GLU A 8 2.95 4.26 11.01
C GLU A 8 3.05 3.42 9.74
N ILE A 9 3.80 3.95 8.78
CA ILE A 9 3.93 3.32 7.48
C ILE A 9 4.63 1.97 7.58
N LYS A 10 5.78 1.91 8.29
CA LYS A 10 6.48 0.62 8.46
C LYS A 10 5.65 -0.29 9.35
N GLU A 11 4.95 0.32 10.29
CA GLU A 11 4.21 -0.41 11.29
C GLU A 11 3.09 -1.21 10.63
N ALA A 12 2.41 -0.60 9.67
CA ALA A 12 1.42 -1.32 8.89
C ALA A 12 2.12 -2.22 7.87
N PHE A 13 3.18 -1.68 7.26
CA PHE A 13 4.02 -2.40 6.31
C PHE A 13 4.43 -3.78 6.86
N ASP A 14 4.75 -3.80 8.14
CA ASP A 14 5.13 -5.03 8.83
C ASP A 14 3.89 -5.82 9.24
N LEU A 15 2.87 -5.09 9.69
CA LEU A 15 1.66 -5.70 10.22
C LEU A 15 1.00 -6.64 9.23
N PHE A 16 0.51 -6.11 8.13
CA PHE A 16 -0.39 -6.88 7.30
C PHE A 16 0.37 -7.80 6.34
N ASP A 17 1.69 -7.67 6.35
CA ASP A 17 2.55 -8.56 5.56
C ASP A 17 2.29 -9.99 6.00
N THR A 18 1.82 -10.80 5.06
CA THR A 18 1.39 -12.15 5.39
C THR A 18 2.54 -13.14 5.35
N ASN A 19 3.59 -12.79 4.63
CA ASN A 19 4.71 -13.71 4.45
C ASN A 19 5.95 -13.22 5.19
N LYS A 20 5.94 -11.93 5.55
CA LYS A 20 7.00 -11.31 6.34
C LYS A 20 8.31 -11.25 5.56
N THR A 21 8.44 -10.23 4.73
CA THR A 21 9.67 -10.03 3.97
C THR A 21 9.94 -8.55 3.73
N GLY A 22 8.94 -7.70 3.95
CA GLY A 22 9.10 -6.29 3.70
C GLY A 22 8.88 -5.95 2.24
N SER A 23 7.91 -6.62 1.63
CA SER A 23 7.55 -6.36 0.25
C SER A 23 6.07 -6.68 0.06
N ILE A 24 5.34 -5.78 -0.56
CA ILE A 24 3.89 -5.89 -0.63
C ILE A 24 3.41 -6.34 -2.01
N ASP A 25 2.56 -7.34 -2.01
CA ASP A 25 1.89 -7.83 -3.21
C ASP A 25 0.45 -7.33 -3.19
N TYR A 26 -0.26 -7.42 -4.30
CA TYR A 26 -1.67 -7.03 -4.33
C TYR A 26 -2.48 -7.80 -3.30
N HIS A 27 -1.97 -8.98 -2.93
CA HIS A 27 -2.53 -9.79 -1.87
C HIS A 27 -2.46 -9.05 -0.53
N GLU A 28 -1.33 -8.38 -0.30
CA GLU A 28 -1.14 -7.60 0.93
C GLU A 28 -1.86 -6.27 0.85
N LEU A 29 -2.09 -5.79 -0.37
CA LEU A 29 -2.77 -4.53 -0.56
C LEU A 29 -4.20 -4.60 -0.02
N LYS A 30 -4.83 -5.75 -0.18
CA LYS A 30 -6.24 -5.92 0.18
C LYS A 30 -6.46 -5.80 1.69
N VAL A 31 -5.42 -6.04 2.48
CA VAL A 31 -5.51 -5.85 3.92
C VAL A 31 -4.99 -4.46 4.29
N ALA A 32 -4.11 -3.94 3.46
CA ALA A 32 -3.55 -2.61 3.64
C ALA A 32 -4.61 -1.54 3.38
N MET A 33 -5.43 -1.77 2.37
CA MET A 33 -6.53 -0.86 2.05
C MET A 33 -7.52 -0.81 3.20
N ARG A 34 -7.60 -1.91 3.95
CA ARG A 34 -8.42 -1.96 5.16
C ARG A 34 -7.81 -1.12 6.26
N ALA A 35 -6.48 -1.08 6.29
CA ALA A 35 -5.74 -0.32 7.30
C ALA A 35 -6.02 1.18 7.18
N LEU A 36 -6.13 1.66 5.95
CA LEU A 36 -6.45 3.06 5.71
C LEU A 36 -7.96 3.27 5.68
N GLY A 37 -8.70 2.22 5.35
CA GLY A 37 -10.15 2.30 5.30
C GLY A 37 -10.66 2.69 3.92
N PHE A 38 -10.18 2.02 2.90
CA PHE A 38 -10.58 2.29 1.53
C PHE A 38 -11.68 1.35 1.08
N ASP A 39 -12.66 1.91 0.38
CA ASP A 39 -13.67 1.08 -0.28
C ASP A 39 -13.35 1.00 -1.77
N VAL A 40 -12.84 -0.15 -2.19
CA VAL A 40 -12.36 -0.31 -3.56
C VAL A 40 -12.74 -1.66 -4.17
N LYS A 41 -12.60 -2.72 -3.39
CA LYS A 41 -12.82 -4.09 -3.87
C LYS A 41 -11.87 -4.43 -5.02
N LYS A 42 -12.08 -5.58 -5.64
CA LYS A 42 -11.16 -6.09 -6.67
C LYS A 42 -10.88 -5.04 -7.77
N PRO A 43 -11.92 -4.50 -8.45
CA PRO A 43 -11.74 -3.58 -9.59
C PRO A 43 -10.76 -2.44 -9.31
N GLU A 44 -11.02 -1.68 -8.27
CA GLU A 44 -10.21 -0.50 -7.97
C GLU A 44 -8.89 -0.89 -7.30
N ILE A 45 -8.82 -2.11 -6.78
CA ILE A 45 -7.70 -2.51 -5.97
C ILE A 45 -6.57 -3.11 -6.80
N LEU A 46 -6.90 -3.93 -7.78
CA LEU A 46 -5.85 -4.56 -8.57
C LEU A 46 -5.26 -3.53 -9.53
N GLU A 47 -6.09 -2.62 -10.03
CA GLU A 47 -5.62 -1.60 -10.95
C GLU A 47 -4.76 -0.61 -10.20
N LEU A 48 -5.00 -0.49 -8.91
CA LEU A 48 -4.16 0.35 -8.07
C LEU A 48 -2.75 -0.21 -8.06
N MET A 49 -2.65 -1.53 -8.23
CA MET A 49 -1.35 -2.18 -8.29
C MET A 49 -0.86 -2.25 -9.72
N ASN A 50 -1.78 -2.23 -10.67
CA ASN A 50 -1.40 -2.29 -12.07
C ASN A 50 -0.63 -1.04 -12.47
N GLU A 51 -1.23 0.11 -12.18
CA GLU A 51 -0.53 1.39 -12.37
C GLU A 51 0.80 1.49 -11.59
N TYR A 52 0.82 1.02 -10.33
CA TYR A 52 1.97 1.27 -9.46
C TYR A 52 3.01 0.15 -9.43
N ASP A 53 2.55 -1.11 -9.40
CA ASP A 53 3.49 -2.24 -9.32
C ASP A 53 4.22 -2.42 -10.65
N ARG A 54 5.31 -3.17 -10.62
CA ARG A 54 6.04 -3.51 -11.82
C ARG A 54 5.20 -4.42 -12.70
N GLU A 55 4.54 -3.83 -13.70
CA GLU A 55 3.64 -4.53 -14.61
C GLU A 55 2.38 -5.04 -13.90
N GLY A 56 2.39 -5.05 -12.58
CA GLY A 56 1.30 -5.66 -11.84
C GLY A 56 1.52 -7.15 -11.72
N ASN A 57 2.79 -7.54 -11.80
CA ASN A 57 3.17 -8.96 -11.80
C ASN A 57 4.22 -9.24 -10.74
N GLY A 58 4.50 -8.27 -9.89
CA GLY A 58 5.54 -8.44 -8.91
C GLY A 58 5.12 -7.95 -7.54
N TYR A 59 5.92 -7.06 -7.00
CA TYR A 59 5.69 -6.52 -5.66
C TYR A 59 6.16 -5.07 -5.64
N ILE A 60 5.67 -4.33 -4.67
CA ILE A 60 6.10 -2.96 -4.50
C ILE A 60 7.07 -2.87 -3.34
N GLY A 61 7.84 -1.80 -3.31
CA GLY A 61 8.78 -1.60 -2.24
C GLY A 61 8.25 -0.60 -1.26
N PHE A 62 8.87 -0.50 -0.10
CA PHE A 62 8.41 0.40 0.93
C PHE A 62 8.31 1.83 0.41
N ASP A 63 9.28 2.23 -0.39
CA ASP A 63 9.30 3.55 -1.00
C ASP A 63 8.06 3.76 -1.88
N ASP A 64 7.69 2.73 -2.63
CA ASP A 64 6.53 2.81 -3.53
C ASP A 64 5.24 2.81 -2.73
N PHE A 65 5.29 2.24 -1.53
CA PHE A 65 4.15 2.11 -0.66
C PHE A 65 3.87 3.42 0.08
N LEU A 66 4.92 4.23 0.19
CA LEU A 66 4.92 5.41 1.04
C LEU A 66 4.06 6.52 0.47
N ASP A 67 4.27 6.83 -0.81
CA ASP A 67 3.57 7.93 -1.46
C ASP A 67 2.07 7.67 -1.57
N ILE A 68 1.66 6.49 -1.15
CA ILE A 68 0.26 6.08 -1.17
C ILE A 68 -0.42 6.44 0.12
N MET A 69 0.29 6.26 1.20
CA MET A 69 -0.20 6.68 2.50
C MET A 69 -0.20 8.19 2.58
N THR A 70 0.63 8.80 1.74
CA THR A 70 0.59 10.25 1.56
C THR A 70 -0.22 10.61 0.32
N GLU A 71 -0.67 9.61 -0.43
CA GLU A 71 -1.43 9.87 -1.64
C GLU A 71 -2.79 10.43 -1.26
N LYS A 72 -3.50 9.65 -0.45
CA LYS A 72 -4.91 9.86 -0.23
C LYS A 72 -5.25 11.09 0.63
N ILE A 73 -4.24 11.78 1.16
CA ILE A 73 -4.49 13.03 1.89
C ILE A 73 -4.39 14.23 0.96
N LYS A 74 -3.70 14.05 -0.13
CA LYS A 74 -3.48 15.10 -1.11
C LYS A 74 -4.60 15.04 -2.15
N ASN A 75 -4.77 13.87 -2.76
CA ASN A 75 -5.92 13.63 -3.58
C ASN A 75 -6.95 12.89 -2.74
N ARG A 76 -7.38 13.54 -1.67
CA ARG A 76 -8.32 12.94 -0.75
C ARG A 76 -9.75 13.01 -1.29
N ASP A 77 -9.92 13.71 -2.40
CA ASP A 77 -11.21 13.83 -3.04
C ASP A 77 -11.28 12.93 -4.26
N LEU A 1 6.78 15.15 4.44
CA LEU A 1 5.99 14.52 5.53
C LEU A 1 6.79 14.56 6.83
N SER A 2 6.11 14.32 7.93
CA SER A 2 6.77 14.21 9.22
C SER A 2 7.31 12.79 9.40
N GLU A 3 8.33 12.64 10.22
CA GLU A 3 8.92 11.33 10.46
C GLU A 3 8.01 10.47 11.34
N GLU A 4 7.19 11.13 12.16
CA GLU A 4 6.17 10.41 12.93
C GLU A 4 5.19 9.72 11.98
N GLN A 5 4.93 10.38 10.86
CA GLN A 5 4.11 9.80 9.79
C GLN A 5 4.83 8.61 9.20
N LYS A 6 6.11 8.79 8.94
CA LYS A 6 6.94 7.76 8.34
C LYS A 6 7.04 6.53 9.22
N GLN A 7 7.03 6.73 10.53
CA GLN A 7 7.07 5.62 11.45
C GLN A 7 5.88 4.69 11.19
N GLU A 8 4.71 5.29 11.03
CA GLU A 8 3.49 4.53 10.75
C GLU A 8 3.61 3.76 9.46
N ILE A 9 4.31 4.34 8.49
CA ILE A 9 4.44 3.74 7.18
C ILE A 9 5.17 2.40 7.25
N LYS A 10 6.36 2.39 7.86
CA LYS A 10 7.13 1.13 7.99
C LYS A 10 6.37 0.19 8.91
N GLU A 11 5.80 0.77 9.95
CA GLU A 11 5.05 0.04 10.95
C GLU A 11 3.95 -0.77 10.28
N ALA A 12 3.09 -0.08 9.53
CA ALA A 12 2.01 -0.73 8.80
C ALA A 12 2.56 -1.65 7.74
N PHE A 13 3.55 -1.17 7.00
CA PHE A 13 4.19 -1.92 5.94
C PHE A 13 4.64 -3.30 6.41
N ASP A 14 5.36 -3.35 7.52
CA ASP A 14 5.88 -4.60 8.06
C ASP A 14 4.76 -5.40 8.72
N LEU A 15 3.83 -4.68 9.32
CA LEU A 15 2.68 -5.29 9.98
C LEU A 15 1.81 -6.05 8.97
N PHE A 16 1.63 -5.48 7.80
CA PHE A 16 0.80 -6.10 6.77
C PHE A 16 1.48 -7.31 6.15
N ASP A 17 2.78 -7.42 6.36
CA ASP A 17 3.49 -8.63 5.95
C ASP A 17 3.09 -9.79 6.85
N THR A 18 2.11 -10.52 6.39
CA THR A 18 1.61 -11.68 7.10
C THR A 18 2.22 -12.94 6.50
N ASN A 19 3.32 -12.76 5.78
CA ASN A 19 3.97 -13.86 5.09
C ASN A 19 5.40 -14.04 5.59
N LYS A 20 6.31 -13.18 5.11
CA LYS A 20 7.75 -13.36 5.32
C LYS A 20 8.58 -12.40 4.47
N THR A 21 7.98 -11.31 3.98
CA THR A 21 8.60 -10.56 2.92
C THR A 21 8.36 -9.06 3.03
N GLY A 22 9.35 -8.28 2.60
CA GLY A 22 9.22 -6.84 2.59
C GLY A 22 8.60 -6.34 1.29
N SER A 23 7.51 -6.97 0.90
CA SER A 23 6.78 -6.60 -0.30
C SER A 23 5.33 -7.06 -0.19
N ILE A 24 4.42 -6.31 -0.79
CA ILE A 24 2.99 -6.60 -0.65
C ILE A 24 2.42 -7.16 -1.94
N ASP A 25 1.61 -8.21 -1.81
CA ASP A 25 0.93 -8.81 -2.94
C ASP A 25 -0.54 -8.40 -2.93
N TYR A 26 -1.24 -8.60 -4.03
CA TYR A 26 -2.63 -8.17 -4.16
C TYR A 26 -3.56 -8.90 -3.18
N HIS A 27 -3.07 -9.98 -2.58
CA HIS A 27 -3.84 -10.70 -1.59
C HIS A 27 -3.96 -9.89 -0.29
N GLU A 28 -2.84 -9.60 0.35
CA GLU A 28 -2.84 -8.90 1.62
C GLU A 28 -2.88 -7.39 1.43
N LEU A 29 -2.79 -6.94 0.18
CA LEU A 29 -3.00 -5.52 -0.12
C LEU A 29 -4.39 -5.11 0.34
N LYS A 30 -5.33 -6.04 0.20
CA LYS A 30 -6.69 -5.82 0.64
C LYS A 30 -6.72 -5.52 2.13
N VAL A 31 -5.99 -6.31 2.91
CA VAL A 31 -5.92 -6.14 4.36
C VAL A 31 -5.37 -4.76 4.69
N ALA A 32 -4.32 -4.36 3.98
CA ALA A 32 -3.73 -3.05 4.14
C ALA A 32 -4.76 -1.97 3.86
N MET A 33 -5.43 -2.11 2.73
CA MET A 33 -6.47 -1.17 2.29
C MET A 33 -7.57 -1.05 3.33
N ARG A 34 -7.99 -2.19 3.89
CA ARG A 34 -9.05 -2.20 4.88
C ARG A 34 -8.62 -1.50 6.16
N ALA A 35 -7.44 -1.87 6.67
CA ALA A 35 -6.91 -1.30 7.91
C ALA A 35 -6.87 0.23 7.84
N LEU A 36 -6.35 0.74 6.73
CA LEU A 36 -6.34 2.18 6.48
C LEU A 36 -7.75 2.73 6.43
N GLY A 37 -8.57 2.15 5.57
CA GLY A 37 -9.93 2.62 5.40
C GLY A 37 -10.32 2.77 3.95
N PHE A 38 -10.22 1.69 3.19
CA PHE A 38 -10.58 1.71 1.78
C PHE A 38 -11.55 0.60 1.43
N ASP A 39 -12.56 0.95 0.66
CA ASP A 39 -13.41 -0.05 0.04
C ASP A 39 -13.35 0.14 -1.47
N VAL A 40 -12.39 -0.52 -2.10
CA VAL A 40 -12.09 -0.30 -3.51
C VAL A 40 -12.56 -1.44 -4.38
N LYS A 41 -12.82 -2.59 -3.76
CA LYS A 41 -13.22 -3.81 -4.47
C LYS A 41 -12.10 -4.22 -5.43
N LYS A 42 -12.40 -5.10 -6.36
CA LYS A 42 -11.38 -5.59 -7.29
C LYS A 42 -10.89 -4.50 -8.27
N PRO A 43 -11.80 -3.82 -9.03
CA PRO A 43 -11.40 -2.86 -10.06
C PRO A 43 -10.42 -1.79 -9.56
N GLU A 44 -10.74 -1.17 -8.44
CA GLU A 44 -9.93 -0.08 -7.94
C GLU A 44 -8.68 -0.58 -7.23
N ILE A 45 -8.65 -1.87 -6.87
CA ILE A 45 -7.54 -2.38 -6.07
C ILE A 45 -6.44 -2.97 -6.94
N LEU A 46 -6.79 -3.66 -8.03
CA LEU A 46 -5.76 -4.30 -8.84
C LEU A 46 -5.02 -3.25 -9.65
N GLU A 47 -5.74 -2.25 -10.16
CA GLU A 47 -5.12 -1.23 -10.98
C GLU A 47 -4.29 -0.32 -10.08
N LEU A 48 -4.72 -0.20 -8.83
CA LEU A 48 -3.98 0.55 -7.84
C LEU A 48 -2.54 0.06 -7.80
N MET A 49 -2.37 -1.24 -7.79
CA MET A 49 -1.04 -1.80 -7.69
C MET A 49 -0.46 -2.01 -9.08
N ASN A 50 -1.32 -2.05 -10.08
CA ASN A 50 -0.88 -2.22 -11.46
C ASN A 50 -0.15 -0.97 -11.95
N GLU A 51 -0.65 0.20 -11.57
CA GLU A 51 0.04 1.45 -11.88
C GLU A 51 1.36 1.58 -11.10
N TYR A 52 1.39 1.06 -9.87
CA TYR A 52 2.59 1.18 -9.03
C TYR A 52 3.59 0.05 -9.27
N ASP A 53 3.10 -1.13 -9.59
CA ASP A 53 3.97 -2.26 -9.86
C ASP A 53 4.60 -2.14 -11.24
N ARG A 54 5.81 -1.62 -11.22
CA ARG A 54 6.70 -1.57 -12.37
C ARG A 54 6.92 -2.95 -13.01
N GLU A 55 8.00 -3.09 -13.77
CA GLU A 55 8.40 -4.37 -14.35
C GLU A 55 9.01 -5.29 -13.31
N GLY A 56 8.64 -5.10 -12.04
CA GLY A 56 9.02 -6.05 -11.02
C GLY A 56 8.10 -7.23 -11.09
N ASN A 57 6.83 -6.91 -11.36
CA ASN A 57 5.81 -7.89 -11.69
C ASN A 57 5.56 -8.86 -10.56
N GLY A 58 4.59 -8.53 -9.72
CA GLY A 58 4.21 -9.42 -8.65
C GLY A 58 3.90 -8.68 -7.38
N TYR A 59 4.84 -7.89 -6.92
CA TYR A 59 4.67 -7.16 -5.67
C TYR A 59 5.08 -5.72 -5.84
N ILE A 60 4.70 -4.92 -4.87
CA ILE A 60 5.09 -3.52 -4.81
C ILE A 60 6.14 -3.32 -3.74
N GLY A 61 6.87 -2.22 -3.82
CA GLY A 61 7.92 -1.96 -2.87
C GLY A 61 7.51 -0.93 -1.85
N PHE A 62 8.27 -0.81 -0.78
CA PHE A 62 7.98 0.14 0.28
C PHE A 62 7.78 1.56 -0.27
N ASP A 63 8.60 1.95 -1.23
CA ASP A 63 8.53 3.29 -1.81
C ASP A 63 7.20 3.50 -2.52
N ASP A 64 6.63 2.41 -3.03
CA ASP A 64 5.35 2.46 -3.74
C ASP A 64 4.21 2.43 -2.73
N PHE A 65 4.49 1.86 -1.56
CA PHE A 65 3.52 1.74 -0.49
C PHE A 65 3.29 3.10 0.15
N LEU A 66 4.34 3.88 0.14
CA LEU A 66 4.38 5.15 0.80
C LEU A 66 3.39 6.13 0.20
N ASP A 67 3.37 6.19 -1.12
CA ASP A 67 2.51 7.12 -1.84
C ASP A 67 1.04 6.73 -1.73
N ILE A 68 0.77 5.62 -1.05
CA ILE A 68 -0.60 5.16 -0.81
C ILE A 68 -1.09 5.69 0.52
N MET A 69 -0.20 5.71 1.49
CA MET A 69 -0.51 6.31 2.77
C MET A 69 -0.59 7.81 2.61
N THR A 70 0.05 8.30 1.55
CA THR A 70 -0.08 9.68 1.16
C THR A 70 -1.14 9.84 0.08
N GLU A 71 -1.46 8.72 -0.59
CA GLU A 71 -2.34 8.73 -1.75
C GLU A 71 -3.62 9.46 -1.46
N LYS A 72 -4.33 8.95 -0.46
CA LYS A 72 -5.66 9.40 -0.20
C LYS A 72 -5.71 10.76 0.50
N ILE A 73 -4.57 11.23 1.02
CA ILE A 73 -4.53 12.55 1.66
C ILE A 73 -4.01 13.62 0.70
N LYS A 74 -3.03 13.25 -0.12
CA LYS A 74 -2.46 14.16 -1.10
C LYS A 74 -3.49 14.46 -2.18
N ASN A 75 -4.19 13.43 -2.62
CA ASN A 75 -5.31 13.61 -3.51
C ASN A 75 -6.58 13.23 -2.75
N ARG A 76 -6.75 13.87 -1.60
CA ARG A 76 -7.88 13.59 -0.73
C ARG A 76 -9.20 14.01 -1.37
N ASP A 77 -9.10 14.93 -2.32
CA ASP A 77 -10.27 15.43 -3.02
C ASP A 77 -10.15 15.15 -4.50
N LEU A 1 11.33 12.31 3.42
CA LEU A 1 10.38 12.36 4.56
C LEU A 1 11.10 12.00 5.85
N SER A 2 10.66 12.57 6.96
CA SER A 2 11.21 12.25 8.26
C SER A 2 10.70 10.89 8.74
N GLU A 3 11.48 10.25 9.60
CA GLU A 3 11.19 8.90 10.07
C GLU A 3 9.92 8.84 10.92
N GLU A 4 9.48 9.99 11.43
CA GLU A 4 8.25 10.03 12.22
C GLU A 4 7.06 9.58 11.38
N GLN A 5 6.98 10.09 10.15
CA GLN A 5 5.95 9.68 9.21
C GLN A 5 6.07 8.20 8.90
N LYS A 6 7.31 7.74 8.83
CA LYS A 6 7.59 6.33 8.56
C LYS A 6 6.99 5.46 9.66
N GLN A 7 7.27 5.83 10.90
CA GLN A 7 6.85 5.06 12.07
C GLN A 7 5.36 4.70 12.01
N GLU A 8 4.52 5.71 11.85
CA GLU A 8 3.07 5.49 11.79
C GLU A 8 2.70 4.64 10.59
N ILE A 9 3.34 4.91 9.46
CA ILE A 9 3.04 4.23 8.22
C ILE A 9 3.50 2.77 8.22
N LYS A 10 4.70 2.51 8.71
CA LYS A 10 5.23 1.16 8.62
C LYS A 10 4.94 0.32 9.84
N GLU A 11 4.37 0.91 10.89
CA GLU A 11 3.83 0.08 11.95
C GLU A 11 2.61 -0.64 11.40
N ALA A 12 1.95 0.03 10.45
CA ALA A 12 0.90 -0.60 9.67
C ALA A 12 1.50 -1.47 8.58
N PHE A 13 2.62 -1.04 8.00
CA PHE A 13 3.26 -1.80 6.95
C PHE A 13 3.68 -3.17 7.45
N ASP A 14 4.35 -3.20 8.59
CA ASP A 14 4.80 -4.46 9.19
C ASP A 14 3.61 -5.35 9.53
N LEU A 15 2.50 -4.71 9.91
CA LEU A 15 1.26 -5.41 10.21
C LEU A 15 0.68 -6.07 8.96
N PHE A 16 0.65 -5.34 7.86
CA PHE A 16 0.04 -5.84 6.64
C PHE A 16 1.03 -6.65 5.80
N ASP A 17 2.32 -6.49 6.10
CA ASP A 17 3.38 -7.24 5.42
C ASP A 17 3.38 -8.69 5.90
N THR A 18 2.33 -9.41 5.52
CA THR A 18 2.22 -10.82 5.84
C THR A 18 3.17 -11.61 4.95
N ASN A 19 3.55 -10.98 3.85
CA ASN A 19 4.63 -11.46 3.02
C ASN A 19 5.93 -10.91 3.61
N LYS A 20 6.32 -11.45 4.75
CA LYS A 20 7.42 -10.92 5.55
C LYS A 20 8.70 -10.78 4.72
N THR A 21 9.03 -9.55 4.39
CA THR A 21 10.24 -9.26 3.63
C THR A 21 10.39 -7.76 3.39
N GLY A 22 9.31 -7.01 3.62
CA GLY A 22 9.36 -5.57 3.44
C GLY A 22 8.90 -5.16 2.06
N SER A 23 7.98 -5.93 1.51
CA SER A 23 7.44 -5.67 0.19
C SER A 23 6.03 -6.25 0.13
N ILE A 24 5.08 -5.46 -0.32
CA ILE A 24 3.69 -5.82 -0.18
C ILE A 24 3.11 -6.31 -1.50
N ASP A 25 2.26 -7.32 -1.40
CA ASP A 25 1.49 -7.78 -2.55
C ASP A 25 0.03 -7.38 -2.31
N TYR A 26 -0.74 -7.23 -3.36
CA TYR A 26 -2.10 -6.75 -3.21
C TYR A 26 -3.04 -7.85 -2.74
N HIS A 27 -2.50 -9.06 -2.60
CA HIS A 27 -3.25 -10.14 -1.98
C HIS A 27 -3.54 -9.79 -0.52
N GLU A 28 -2.55 -9.28 0.19
CA GLU A 28 -2.77 -8.83 1.57
C GLU A 28 -3.11 -7.34 1.61
N LEU A 29 -3.04 -6.67 0.47
CA LEU A 29 -3.47 -5.27 0.40
C LEU A 29 -4.97 -5.19 0.69
N LYS A 30 -5.66 -6.30 0.49
CA LYS A 30 -7.10 -6.37 0.73
C LYS A 30 -7.44 -6.09 2.19
N VAL A 31 -6.52 -6.41 3.11
CA VAL A 31 -6.75 -6.16 4.52
C VAL A 31 -6.25 -4.77 4.90
N ALA A 32 -5.47 -4.17 4.00
CA ALA A 32 -5.00 -2.81 4.18
C ALA A 32 -6.04 -1.83 3.67
N MET A 33 -6.54 -2.09 2.47
CA MET A 33 -7.59 -1.27 1.85
C MET A 33 -8.79 -1.14 2.78
N ARG A 34 -9.14 -2.22 3.47
CA ARG A 34 -10.28 -2.17 4.38
C ARG A 34 -9.97 -1.30 5.59
N ALA A 35 -8.73 -1.36 6.07
CA ALA A 35 -8.30 -0.54 7.20
C ALA A 35 -8.28 0.94 6.81
N LEU A 36 -7.97 1.20 5.55
CA LEU A 36 -8.02 2.55 5.02
C LEU A 36 -9.46 2.97 4.80
N GLY A 37 -10.26 2.04 4.30
CA GLY A 37 -11.66 2.30 4.06
C GLY A 37 -11.99 2.45 2.60
N PHE A 38 -11.71 1.42 1.81
CA PHE A 38 -12.05 1.42 0.40
C PHE A 38 -12.88 0.21 0.04
N ASP A 39 -13.72 0.36 -0.98
CA ASP A 39 -14.45 -0.76 -1.53
C ASP A 39 -13.89 -1.08 -2.91
N VAL A 40 -13.04 -2.09 -2.97
CA VAL A 40 -12.28 -2.37 -4.19
C VAL A 40 -12.34 -3.83 -4.61
N LYS A 41 -12.31 -4.73 -3.65
CA LYS A 41 -12.29 -6.17 -3.94
C LYS A 41 -11.09 -6.53 -4.82
N LYS A 42 -11.16 -7.67 -5.49
CA LYS A 42 -10.07 -8.12 -6.34
C LYS A 42 -9.98 -7.35 -7.68
N PRO A 43 -11.11 -7.17 -8.41
CA PRO A 43 -11.10 -6.50 -9.73
C PRO A 43 -10.38 -5.15 -9.71
N GLU A 44 -10.70 -4.34 -8.72
CA GLU A 44 -10.10 -3.03 -8.64
C GLU A 44 -8.69 -3.13 -8.07
N ILE A 45 -8.43 -4.19 -7.31
CA ILE A 45 -7.18 -4.30 -6.57
C ILE A 45 -5.99 -4.63 -7.47
N LEU A 46 -6.16 -5.55 -8.42
CA LEU A 46 -5.04 -5.93 -9.26
C LEU A 46 -4.77 -4.83 -10.28
N GLU A 47 -5.82 -4.17 -10.75
CA GLU A 47 -5.63 -3.09 -11.71
C GLU A 47 -5.09 -1.86 -10.99
N LEU A 48 -5.48 -1.69 -9.74
CA LEU A 48 -5.01 -0.57 -8.96
C LEU A 48 -3.49 -0.62 -8.86
N MET A 49 -2.95 -1.82 -8.84
CA MET A 49 -1.52 -2.00 -8.68
C MET A 49 -0.87 -2.14 -10.02
N ASN A 50 -1.65 -2.60 -10.99
CA ASN A 50 -1.17 -2.76 -12.36
C ASN A 50 -0.65 -1.43 -12.89
N GLU A 51 -1.41 -0.36 -12.66
CA GLU A 51 -0.92 1.00 -12.92
C GLU A 51 0.32 1.32 -12.08
N TYR A 52 0.25 1.07 -10.78
CA TYR A 52 1.28 1.53 -9.83
C TYR A 52 2.59 0.72 -9.89
N ASP A 53 2.50 -0.58 -9.62
CA ASP A 53 3.69 -1.41 -9.38
C ASP A 53 4.42 -1.73 -10.68
N ARG A 54 3.81 -1.32 -11.79
CA ARG A 54 4.28 -1.74 -13.11
C ARG A 54 5.72 -1.31 -13.38
N GLU A 55 6.62 -2.23 -13.06
CA GLU A 55 8.07 -2.08 -13.23
C GLU A 55 8.73 -3.29 -12.59
N GLY A 56 8.08 -3.82 -11.56
CA GLY A 56 8.57 -5.01 -10.90
C GLY A 56 7.98 -6.26 -11.53
N ASN A 57 6.76 -6.60 -11.13
CA ASN A 57 6.10 -7.80 -11.67
C ASN A 57 4.71 -7.97 -11.07
N GLY A 58 4.53 -7.54 -9.83
CA GLY A 58 3.22 -7.63 -9.20
C GLY A 58 3.25 -7.35 -7.72
N TYR A 59 4.05 -6.38 -7.29
CA TYR A 59 4.06 -5.95 -5.90
C TYR A 59 4.81 -4.65 -5.74
N ILE A 60 4.65 -4.02 -4.58
CA ILE A 60 5.27 -2.72 -4.35
C ILE A 60 6.15 -2.76 -3.11
N GLY A 61 7.04 -1.80 -3.01
CA GLY A 61 7.89 -1.68 -1.85
C GLY A 61 7.42 -0.56 -0.95
N PHE A 62 7.97 -0.49 0.26
CA PHE A 62 7.59 0.52 1.23
C PHE A 62 7.72 1.93 0.66
N ASP A 63 8.69 2.11 -0.24
CA ASP A 63 8.93 3.40 -0.87
C ASP A 63 7.73 3.84 -1.72
N ASP A 64 6.98 2.87 -2.23
CA ASP A 64 5.79 3.16 -3.03
C ASP A 64 4.58 3.28 -2.13
N PHE A 65 4.50 2.39 -1.13
CA PHE A 65 3.38 2.33 -0.22
C PHE A 65 3.28 3.61 0.62
N LEU A 66 4.42 4.22 0.84
CA LEU A 66 4.51 5.42 1.64
C LEU A 66 3.72 6.56 1.01
N ASP A 67 3.89 6.72 -0.30
CA ASP A 67 3.27 7.81 -1.04
C ASP A 67 1.78 7.59 -1.19
N ILE A 68 1.35 6.45 -0.69
CA ILE A 68 -0.04 6.01 -0.71
C ILE A 68 -0.72 6.39 0.58
N MET A 69 -0.04 6.13 1.68
CA MET A 69 -0.51 6.59 2.95
C MET A 69 -0.39 8.11 2.99
N THR A 70 0.45 8.64 2.11
CA THR A 70 0.50 10.08 1.90
C THR A 70 -0.32 10.47 0.67
N GLU A 71 -0.84 9.48 -0.05
CA GLU A 71 -1.53 9.76 -1.30
C GLU A 71 -2.85 10.45 -1.03
N LYS A 72 -3.72 9.75 -0.33
CA LYS A 72 -5.10 10.16 -0.17
C LYS A 72 -5.24 11.47 0.62
N ILE A 73 -4.17 11.90 1.29
CA ILE A 73 -4.20 13.16 2.04
C ILE A 73 -3.62 14.31 1.24
N LYS A 74 -2.74 13.99 0.31
CA LYS A 74 -2.15 15.00 -0.56
C LYS A 74 -3.08 15.23 -1.76
N ASN A 75 -3.71 14.15 -2.19
CA ASN A 75 -4.76 14.22 -3.18
C ASN A 75 -6.10 14.14 -2.46
N ARG A 76 -6.11 14.68 -1.25
CA ARG A 76 -7.29 14.71 -0.43
C ARG A 76 -8.34 15.61 -1.09
N ASP A 77 -7.85 16.59 -1.82
CA ASP A 77 -8.72 17.53 -2.54
C ASP A 77 -8.33 17.56 -4.00
N LEU A 1 9.72 13.16 3.99
CA LEU A 1 8.88 13.76 5.04
C LEU A 1 9.54 13.55 6.39
N SER A 2 8.80 13.81 7.47
CA SER A 2 9.31 13.57 8.82
C SER A 2 9.39 12.07 9.11
N GLU A 3 9.72 11.72 10.34
CA GLU A 3 9.81 10.34 10.75
C GLU A 3 8.54 9.88 11.46
N GLU A 4 7.97 10.77 12.25
CA GLU A 4 6.73 10.46 12.96
C GLU A 4 5.64 10.03 11.99
N GLN A 5 5.68 10.60 10.79
CA GLN A 5 4.72 10.27 9.74
C GLN A 5 4.90 8.83 9.28
N LYS A 6 6.15 8.42 9.11
CA LYS A 6 6.43 7.13 8.53
C LYS A 6 6.37 6.04 9.56
N GLN A 7 6.63 6.39 10.80
CA GLN A 7 6.47 5.48 11.92
C GLN A 7 5.11 4.79 11.86
N GLU A 8 4.04 5.57 11.75
CA GLU A 8 2.69 5.02 11.63
C GLU A 8 2.59 4.13 10.40
N ILE A 9 3.11 4.65 9.30
CA ILE A 9 3.05 3.99 8.00
C ILE A 9 3.86 2.69 7.98
N LYS A 10 5.05 2.74 8.53
CA LYS A 10 5.97 1.61 8.55
C LYS A 10 5.48 0.54 9.49
N GLU A 11 4.95 0.96 10.63
CA GLU A 11 4.37 0.05 11.60
C GLU A 11 3.20 -0.69 10.94
N ALA A 12 2.47 0.02 10.11
CA ALA A 12 1.38 -0.57 9.34
C ALA A 12 1.93 -1.48 8.25
N PHE A 13 3.05 -1.07 7.65
CA PHE A 13 3.68 -1.86 6.61
C PHE A 13 4.03 -3.25 7.12
N ASP A 14 4.70 -3.31 8.27
CA ASP A 14 5.06 -4.58 8.90
C ASP A 14 3.81 -5.36 9.28
N LEU A 15 2.80 -4.65 9.74
CA LEU A 15 1.54 -5.24 10.15
C LEU A 15 0.83 -5.92 8.98
N PHE A 16 0.77 -5.23 7.86
CA PHE A 16 0.03 -5.73 6.71
C PHE A 16 0.83 -6.77 5.93
N ASP A 17 2.13 -6.82 6.18
CA ASP A 17 2.96 -7.89 5.63
C ASP A 17 2.55 -9.21 6.25
N THR A 18 1.80 -10.00 5.50
CA THR A 18 1.36 -11.29 5.94
C THR A 18 2.16 -12.36 5.22
N ASN A 19 3.16 -11.92 4.49
CA ASN A 19 4.00 -12.81 3.69
C ASN A 19 5.24 -13.19 4.50
N LYS A 20 6.15 -12.23 4.67
CA LYS A 20 7.45 -12.45 5.33
C LYS A 20 8.43 -11.37 4.90
N THR A 21 8.26 -10.93 3.66
CA THR A 21 9.21 -10.02 3.03
C THR A 21 8.84 -8.57 3.29
N GLY A 22 9.80 -7.67 3.09
CA GLY A 22 9.55 -6.25 3.25
C GLY A 22 8.91 -5.62 2.03
N SER A 23 7.81 -6.23 1.59
CA SER A 23 7.09 -5.77 0.42
C SER A 23 5.71 -6.41 0.37
N ILE A 24 4.73 -5.68 -0.14
CA ILE A 24 3.33 -6.11 -0.13
C ILE A 24 2.91 -6.59 -1.50
N ASP A 25 2.22 -7.71 -1.58
CA ASP A 25 1.67 -8.15 -2.86
C ASP A 25 0.16 -7.89 -2.89
N TYR A 26 -0.40 -7.92 -4.08
CA TYR A 26 -1.80 -7.50 -4.31
C TYR A 26 -2.82 -8.34 -3.56
N HIS A 27 -2.44 -9.54 -3.13
CA HIS A 27 -3.39 -10.41 -2.44
C HIS A 27 -3.59 -9.95 -1.00
N GLU A 28 -2.52 -9.46 -0.37
CA GLU A 28 -2.58 -9.06 1.03
C GLU A 28 -2.83 -7.56 1.14
N LEU A 29 -2.67 -6.86 0.02
CA LEU A 29 -2.92 -5.42 -0.02
C LEU A 29 -4.37 -5.12 0.32
N LYS A 30 -5.24 -6.10 0.08
CA LYS A 30 -6.68 -5.91 0.29
C LYS A 30 -6.99 -5.59 1.75
N VAL A 31 -6.43 -6.36 2.67
CA VAL A 31 -6.66 -6.14 4.10
C VAL A 31 -6.01 -4.84 4.54
N ALA A 32 -4.93 -4.46 3.87
CA ALA A 32 -4.24 -3.21 4.14
C ALA A 32 -5.13 -2.04 3.74
N MET A 33 -5.58 -2.07 2.49
CA MET A 33 -6.44 -1.02 1.94
C MET A 33 -7.69 -0.83 2.80
N ARG A 34 -8.26 -1.94 3.24
CA ARG A 34 -9.44 -1.91 4.10
C ARG A 34 -9.13 -1.21 5.41
N ALA A 35 -8.06 -1.64 6.07
CA ALA A 35 -7.69 -1.09 7.37
C ALA A 35 -7.34 0.40 7.26
N LEU A 36 -6.71 0.78 6.16
CA LEU A 36 -6.40 2.18 5.89
C LEU A 36 -7.69 2.97 5.74
N GLY A 37 -8.60 2.42 4.94
CA GLY A 37 -9.88 3.04 4.75
C GLY A 37 -10.21 3.30 3.30
N PHE A 38 -9.86 2.36 2.43
CA PHE A 38 -10.20 2.48 1.02
C PHE A 38 -11.35 1.56 0.66
N ASP A 39 -12.08 1.91 -0.38
CA ASP A 39 -13.13 1.05 -0.90
C ASP A 39 -12.87 0.76 -2.37
N VAL A 40 -12.03 -0.24 -2.61
CA VAL A 40 -11.58 -0.55 -3.97
C VAL A 40 -11.96 -1.97 -4.39
N LYS A 41 -11.79 -2.92 -3.47
CA LYS A 41 -11.98 -4.34 -3.75
C LYS A 41 -11.10 -4.78 -4.92
N LYS A 42 -11.45 -5.90 -5.54
CA LYS A 42 -10.60 -6.49 -6.58
C LYS A 42 -10.23 -5.51 -7.71
N PRO A 43 -11.23 -4.95 -8.44
CA PRO A 43 -10.98 -4.14 -9.65
C PRO A 43 -9.96 -3.02 -9.45
N GLU A 44 -10.19 -2.16 -8.47
CA GLU A 44 -9.35 -0.99 -8.29
C GLU A 44 -8.08 -1.32 -7.52
N ILE A 45 -7.96 -2.56 -7.04
CA ILE A 45 -6.85 -2.92 -6.18
C ILE A 45 -5.70 -3.55 -6.96
N LEU A 46 -6.00 -4.45 -7.91
CA LEU A 46 -4.94 -5.11 -8.64
C LEU A 46 -4.40 -4.19 -9.73
N GLU A 47 -5.30 -3.38 -10.31
CA GLU A 47 -4.91 -2.47 -11.37
C GLU A 47 -4.13 -1.33 -10.75
N LEU A 48 -4.43 -1.06 -9.48
CA LEU A 48 -3.67 -0.11 -8.72
C LEU A 48 -2.20 -0.51 -8.75
N MET A 49 -1.94 -1.79 -8.64
CA MET A 49 -0.58 -2.29 -8.58
C MET A 49 -0.07 -2.57 -9.97
N ASN A 50 -0.96 -2.56 -10.93
CA ASN A 50 -0.58 -2.75 -12.31
C ASN A 50 -0.06 -1.45 -12.91
N GLU A 51 -0.74 -0.34 -12.65
CA GLU A 51 -0.24 0.95 -13.14
C GLU A 51 0.91 1.48 -12.29
N TYR A 52 0.96 1.11 -11.00
CA TYR A 52 2.05 1.57 -10.13
C TYR A 52 3.25 0.63 -10.20
N ASP A 53 3.07 -0.62 -9.79
CA ASP A 53 4.16 -1.59 -9.81
C ASP A 53 4.48 -2.02 -11.24
N ARG A 54 3.79 -3.06 -11.71
CA ARG A 54 3.97 -3.64 -13.04
C ARG A 54 5.37 -4.26 -13.23
N GLU A 55 6.41 -3.52 -12.88
CA GLU A 55 7.79 -3.97 -13.09
C GLU A 55 8.05 -5.28 -12.37
N GLY A 56 7.52 -5.42 -11.16
CA GLY A 56 7.62 -6.68 -10.46
C GLY A 56 6.41 -7.53 -10.71
N ASN A 57 5.28 -6.85 -10.91
CA ASN A 57 4.00 -7.49 -11.22
C ASN A 57 3.63 -8.44 -10.09
N GLY A 58 3.77 -7.96 -8.86
CA GLY A 58 3.50 -8.78 -7.71
C GLY A 58 3.54 -8.01 -6.43
N TYR A 59 4.69 -7.40 -6.12
CA TYR A 59 4.87 -6.69 -4.86
C TYR A 59 5.19 -5.23 -5.09
N ILE A 60 5.08 -4.44 -4.03
CA ILE A 60 5.39 -3.02 -4.07
C ILE A 60 6.34 -2.67 -2.94
N GLY A 61 6.92 -1.49 -2.99
CA GLY A 61 7.87 -1.08 -1.98
C GLY A 61 7.24 -0.14 -0.99
N PHE A 62 7.93 0.08 0.13
CA PHE A 62 7.43 0.92 1.19
C PHE A 62 7.20 2.35 0.68
N ASP A 63 8.03 2.76 -0.26
CA ASP A 63 7.93 4.08 -0.86
C ASP A 63 6.60 4.24 -1.59
N ASP A 64 6.14 3.16 -2.21
CA ASP A 64 4.88 3.17 -2.95
C ASP A 64 3.71 3.15 -1.98
N PHE A 65 3.93 2.55 -0.82
CA PHE A 65 2.89 2.36 0.16
C PHE A 65 2.68 3.66 0.91
N LEU A 66 3.81 4.30 1.16
CA LEU A 66 3.87 5.63 1.70
C LEU A 66 3.02 6.57 0.88
N ASP A 67 3.30 6.59 -0.43
CA ASP A 67 2.73 7.56 -1.35
C ASP A 67 1.25 7.35 -1.53
N ILE A 68 0.75 6.30 -0.93
CA ILE A 68 -0.67 5.99 -0.91
C ILE A 68 -1.29 6.49 0.37
N MET A 69 -0.57 6.30 1.45
CA MET A 69 -0.98 6.86 2.71
C MET A 69 -0.81 8.37 2.66
N THR A 70 0.05 8.83 1.76
CA THR A 70 0.09 10.24 1.43
C THR A 70 -0.85 10.57 0.26
N GLU A 71 -1.11 9.58 -0.59
CA GLU A 71 -1.96 9.77 -1.77
C GLU A 71 -3.28 10.42 -1.41
N LYS A 72 -4.03 9.74 -0.57
CA LYS A 72 -5.38 10.14 -0.25
C LYS A 72 -5.42 11.30 0.75
N ILE A 73 -4.27 11.75 1.26
CA ILE A 73 -4.27 12.94 2.11
C ILE A 73 -3.88 14.19 1.34
N LYS A 74 -3.05 14.02 0.30
CA LYS A 74 -2.62 15.15 -0.51
C LYS A 74 -3.73 15.59 -1.44
N ASN A 75 -4.39 14.63 -2.08
CA ASN A 75 -5.49 14.92 -2.98
C ASN A 75 -6.80 14.77 -2.25
N ARG A 76 -6.72 14.00 -1.17
CA ARG A 76 -7.83 13.67 -0.28
C ARG A 76 -9.15 13.47 -1.00
N ASP A 77 -9.21 12.32 -1.64
CA ASP A 77 -10.44 11.84 -2.27
C ASP A 77 -11.41 11.35 -1.20
N LEU A 1 8.48 13.58 4.50
CA LEU A 1 7.86 12.97 5.69
C LEU A 1 8.84 12.87 6.84
N SER A 2 8.39 13.26 8.02
CA SER A 2 9.21 13.13 9.22
C SER A 2 9.28 11.66 9.63
N GLU A 3 10.29 11.30 10.40
CA GLU A 3 10.48 9.90 10.78
C GLU A 3 9.39 9.43 11.73
N GLU A 4 8.75 10.38 12.41
CA GLU A 4 7.57 10.08 13.20
C GLU A 4 6.46 9.54 12.30
N GLN A 5 6.34 10.14 11.13
CA GLN A 5 5.36 9.75 10.15
C GLN A 5 5.78 8.42 9.54
N LYS A 6 7.07 8.25 9.38
CA LYS A 6 7.64 6.98 8.94
C LYS A 6 7.26 5.87 9.87
N GLN A 7 7.39 6.11 11.17
CA GLN A 7 7.11 5.09 12.18
C GLN A 7 5.74 4.45 11.97
N GLU A 8 4.75 5.24 11.60
CA GLU A 8 3.41 4.72 11.39
C GLU A 8 3.32 3.91 10.10
N ILE A 9 3.89 4.43 9.02
CA ILE A 9 3.80 3.81 7.71
C ILE A 9 4.78 2.63 7.57
N LYS A 10 6.00 2.85 8.01
CA LYS A 10 7.05 1.83 8.01
C LYS A 10 6.57 0.58 8.73
N GLU A 11 5.95 0.82 9.86
CA GLU A 11 5.52 -0.25 10.75
C GLU A 11 4.24 -0.90 10.23
N ALA A 12 3.41 -0.11 9.55
CA ALA A 12 2.22 -0.64 8.90
C ALA A 12 2.65 -1.53 7.75
N PHE A 13 3.74 -1.16 7.09
CA PHE A 13 4.33 -1.97 6.05
C PHE A 13 4.78 -3.31 6.61
N ASP A 14 5.45 -3.28 7.76
CA ASP A 14 5.84 -4.50 8.47
C ASP A 14 4.62 -5.32 8.83
N LEU A 15 3.60 -4.60 9.32
CA LEU A 15 2.33 -5.19 9.72
C LEU A 15 1.68 -5.90 8.55
N PHE A 16 1.41 -5.14 7.49
CA PHE A 16 0.57 -5.62 6.42
C PHE A 16 1.28 -6.71 5.62
N ASP A 17 2.61 -6.68 5.62
CA ASP A 17 3.40 -7.77 5.04
C ASP A 17 3.09 -9.06 5.79
N THR A 18 2.18 -9.84 5.23
CA THR A 18 1.73 -11.06 5.87
C THR A 18 2.12 -12.27 5.05
N ASN A 19 2.61 -12.05 3.84
CA ASN A 19 3.22 -13.12 3.06
C ASN A 19 4.66 -13.28 3.51
N LYS A 20 5.15 -12.26 4.20
CA LYS A 20 6.48 -12.24 4.80
C LYS A 20 7.58 -12.30 3.75
N THR A 21 7.89 -11.14 3.18
CA THR A 21 9.00 -11.03 2.23
C THR A 21 9.62 -9.62 2.29
N GLY A 22 8.83 -8.64 2.69
CA GLY A 22 9.32 -7.27 2.71
C GLY A 22 8.70 -6.44 1.62
N SER A 23 7.51 -6.83 1.19
CA SER A 23 6.77 -6.12 0.16
C SER A 23 5.32 -6.57 0.18
N ILE A 24 4.46 -5.81 -0.48
CA ILE A 24 3.03 -6.09 -0.44
C ILE A 24 2.55 -6.74 -1.74
N ASP A 25 1.75 -7.79 -1.58
CA ASP A 25 1.14 -8.48 -2.71
C ASP A 25 -0.33 -8.07 -2.81
N TYR A 26 -0.87 -8.10 -4.02
CA TYR A 26 -2.21 -7.60 -4.28
C TYR A 26 -3.30 -8.30 -3.45
N HIS A 27 -3.09 -9.55 -3.07
CA HIS A 27 -4.13 -10.25 -2.34
C HIS A 27 -4.13 -9.84 -0.86
N GLU A 28 -3.01 -9.34 -0.38
CA GLU A 28 -2.95 -8.86 1.00
C GLU A 28 -3.15 -7.34 1.04
N LEU A 29 -3.21 -6.72 -0.14
CA LEU A 29 -3.55 -5.31 -0.24
C LEU A 29 -4.95 -5.09 0.34
N LYS A 30 -5.75 -6.13 0.23
CA LYS A 30 -7.15 -6.08 0.66
C LYS A 30 -7.28 -5.78 2.15
N VAL A 31 -6.36 -6.27 2.97
CA VAL A 31 -6.41 -5.98 4.40
C VAL A 31 -5.95 -4.56 4.68
N ALA A 32 -5.03 -4.07 3.85
CA ALA A 32 -4.56 -2.70 3.95
C ALA A 32 -5.70 -1.74 3.62
N MET A 33 -6.32 -1.96 2.46
CA MET A 33 -7.49 -1.19 2.04
C MET A 33 -8.58 -1.25 3.10
N ARG A 34 -8.73 -2.40 3.73
CA ARG A 34 -9.73 -2.57 4.78
C ARG A 34 -9.42 -1.65 5.97
N ALA A 35 -8.22 -1.79 6.51
CA ALA A 35 -7.81 -1.02 7.69
C ALA A 35 -7.88 0.48 7.44
N LEU A 36 -7.48 0.89 6.24
CA LEU A 36 -7.52 2.31 5.87
C LEU A 36 -8.96 2.76 5.66
N GLY A 37 -9.72 1.97 4.93
CA GLY A 37 -11.08 2.32 4.61
C GLY A 37 -11.28 2.65 3.15
N PHE A 38 -11.12 1.64 2.30
CA PHE A 38 -11.34 1.83 0.87
C PHE A 38 -12.40 0.85 0.37
N ASP A 39 -13.19 1.31 -0.59
CA ASP A 39 -14.24 0.51 -1.21
C ASP A 39 -13.80 0.07 -2.59
N VAL A 40 -12.48 -0.02 -2.78
CA VAL A 40 -11.90 -0.27 -4.09
C VAL A 40 -12.29 -1.60 -4.68
N LYS A 41 -12.51 -2.59 -3.82
CA LYS A 41 -12.85 -3.95 -4.27
C LYS A 41 -11.72 -4.49 -5.14
N LYS A 42 -12.00 -5.52 -5.94
CA LYS A 42 -10.99 -6.12 -6.80
C LYS A 42 -10.56 -5.17 -7.94
N PRO A 43 -11.51 -4.64 -8.76
CA PRO A 43 -11.18 -3.86 -9.96
C PRO A 43 -10.18 -2.72 -9.70
N GLU A 44 -10.36 -2.02 -8.60
CA GLU A 44 -9.52 -0.86 -8.31
C GLU A 44 -8.24 -1.28 -7.58
N ILE A 45 -8.29 -2.41 -6.87
CA ILE A 45 -7.18 -2.83 -6.01
C ILE A 45 -6.03 -3.41 -6.82
N LEU A 46 -6.33 -4.19 -7.85
CA LEU A 46 -5.26 -4.74 -8.66
C LEU A 46 -4.72 -3.67 -9.59
N GLU A 47 -5.61 -2.79 -10.07
CA GLU A 47 -5.19 -1.70 -10.94
C GLU A 47 -4.35 -0.71 -10.16
N LEU A 48 -4.68 -0.54 -8.89
CA LEU A 48 -3.89 0.30 -8.03
C LEU A 48 -2.45 -0.21 -7.98
N MET A 49 -2.30 -1.52 -8.13
CA MET A 49 -0.97 -2.10 -8.15
C MET A 49 -0.43 -2.14 -9.56
N ASN A 50 -1.31 -2.34 -10.51
CA ASN A 50 -0.93 -2.36 -11.91
C ASN A 50 -0.26 -1.05 -12.31
N GLU A 51 -0.86 0.08 -11.93
CA GLU A 51 -0.29 1.39 -12.22
C GLU A 51 0.94 1.69 -11.33
N TYR A 52 0.91 1.27 -10.07
CA TYR A 52 2.00 1.56 -9.14
C TYR A 52 3.20 0.64 -9.37
N ASP A 53 2.94 -0.65 -9.46
CA ASP A 53 3.98 -1.66 -9.60
C ASP A 53 4.72 -1.48 -10.92
N ARG A 54 6.03 -1.33 -10.80
CA ARG A 54 6.94 -1.27 -11.94
C ARG A 54 6.94 -2.57 -12.77
N GLU A 55 8.07 -2.85 -13.39
CA GLU A 55 8.24 -4.04 -14.20
C GLU A 55 8.38 -5.29 -13.32
N GLY A 56 7.31 -5.62 -12.63
CA GLY A 56 7.27 -6.82 -11.84
C GLY A 56 5.86 -7.39 -11.77
N ASN A 57 4.92 -6.51 -11.44
CA ASN A 57 3.51 -6.85 -11.37
C ASN A 57 3.27 -8.00 -10.41
N GLY A 58 3.75 -7.83 -9.19
CA GLY A 58 3.64 -8.87 -8.19
C GLY A 58 3.64 -8.29 -6.81
N TYR A 59 4.69 -7.52 -6.50
CA TYR A 59 4.78 -6.83 -5.23
C TYR A 59 5.31 -5.43 -5.45
N ILE A 60 4.88 -4.53 -4.60
CA ILE A 60 5.34 -3.16 -4.63
C ILE A 60 6.34 -2.92 -3.53
N GLY A 61 7.06 -1.81 -3.60
CA GLY A 61 8.07 -1.52 -2.60
C GLY A 61 7.53 -0.52 -1.59
N PHE A 62 8.25 -0.34 -0.49
CA PHE A 62 7.79 0.55 0.56
C PHE A 62 7.43 1.93 -0.01
N ASP A 63 8.20 2.41 -0.97
CA ASP A 63 7.98 3.73 -1.55
C ASP A 63 6.70 3.74 -2.41
N ASP A 64 6.29 2.57 -2.87
CA ASP A 64 5.03 2.44 -3.62
C ASP A 64 3.86 2.36 -2.64
N PHE A 65 4.16 1.95 -1.43
CA PHE A 65 3.16 1.75 -0.38
C PHE A 65 2.91 3.08 0.29
N LEU A 66 4.01 3.75 0.51
CA LEU A 66 4.06 5.05 1.10
C LEU A 66 3.15 6.03 0.38
N ASP A 67 3.32 6.11 -0.93
CA ASP A 67 2.55 7.05 -1.75
C ASP A 67 1.07 6.70 -1.80
N ILE A 68 0.69 5.61 -1.14
CA ILE A 68 -0.71 5.23 -0.98
C ILE A 68 -1.25 5.78 0.31
N MET A 69 -0.43 5.75 1.32
CA MET A 69 -0.78 6.36 2.58
C MET A 69 -0.62 7.86 2.45
N THR A 70 0.19 8.26 1.47
CA THR A 70 0.24 9.66 1.08
C THR A 70 -0.66 9.92 -0.13
N GLU A 71 -1.25 8.86 -0.69
CA GLU A 71 -2.11 9.00 -1.86
C GLU A 71 -3.32 9.81 -1.51
N LYS A 72 -4.13 9.24 -0.64
CA LYS A 72 -5.47 9.72 -0.40
C LYS A 72 -5.53 11.11 0.25
N ILE A 73 -4.39 11.70 0.58
CA ILE A 73 -4.40 13.04 1.18
C ILE A 73 -4.21 14.14 0.14
N LYS A 74 -3.22 14.02 -0.75
CA LYS A 74 -3.03 15.00 -1.82
C LYS A 74 -3.91 14.64 -3.01
N ASN A 75 -4.31 13.37 -3.04
CA ASN A 75 -5.29 12.89 -4.01
C ASN A 75 -6.58 12.62 -3.26
N ARG A 76 -6.81 13.41 -2.21
CA ARG A 76 -7.99 13.28 -1.39
C ARG A 76 -9.24 13.54 -2.22
N ASP A 77 -9.09 14.44 -3.18
CA ASP A 77 -10.15 14.77 -4.10
C ASP A 77 -9.91 14.08 -5.44
N LEU A 1 9.68 12.79 3.41
CA LEU A 1 8.90 12.61 4.66
C LEU A 1 9.82 12.20 5.80
N SER A 2 9.45 12.56 7.02
CA SER A 2 10.28 12.31 8.18
C SER A 2 9.99 10.92 8.76
N GLU A 3 10.70 10.56 9.81
CA GLU A 3 10.61 9.19 10.34
C GLU A 3 9.47 9.05 11.33
N GLU A 4 8.99 10.16 11.90
CA GLU A 4 7.83 10.11 12.78
C GLU A 4 6.60 9.60 12.03
N GLN A 5 6.44 10.07 10.80
CA GLN A 5 5.34 9.61 9.96
C GLN A 5 5.60 8.17 9.53
N LYS A 6 6.87 7.82 9.48
CA LYS A 6 7.28 6.47 9.14
C LYS A 6 7.01 5.51 10.28
N GLN A 7 7.04 6.00 11.49
CA GLN A 7 6.75 5.16 12.64
C GLN A 7 5.33 4.61 12.52
N GLU A 8 4.43 5.44 12.01
CA GLU A 8 3.05 5.04 11.77
C GLU A 8 2.98 4.13 10.55
N ILE A 9 3.38 4.67 9.41
CA ILE A 9 3.20 4.03 8.12
C ILE A 9 4.04 2.76 7.96
N LYS A 10 5.25 2.75 8.51
CA LYS A 10 6.12 1.61 8.33
C LYS A 10 5.73 0.48 9.25
N GLU A 11 5.24 0.79 10.45
CA GLU A 11 4.76 -0.27 11.33
C GLU A 11 3.48 -0.83 10.74
N ALA A 12 2.77 0.00 9.98
CA ALA A 12 1.63 -0.45 9.22
C ALA A 12 2.09 -1.36 8.08
N PHE A 13 3.18 -0.98 7.42
CA PHE A 13 3.78 -1.80 6.39
C PHE A 13 4.19 -3.14 6.97
N ASP A 14 4.83 -3.08 8.13
CA ASP A 14 5.25 -4.28 8.88
C ASP A 14 4.05 -5.16 9.21
N LEU A 15 2.93 -4.52 9.50
CA LEU A 15 1.70 -5.22 9.84
C LEU A 15 1.02 -5.80 8.60
N PHE A 16 0.94 -5.01 7.55
CA PHE A 16 0.26 -5.44 6.33
C PHE A 16 1.05 -6.51 5.61
N ASP A 17 2.37 -6.47 5.73
CA ASP A 17 3.21 -7.55 5.24
C ASP A 17 2.94 -8.80 6.05
N THR A 18 2.12 -9.65 5.48
CA THR A 18 1.77 -10.92 6.09
C THR A 18 2.30 -12.04 5.21
N ASN A 19 2.95 -11.61 4.14
CA ASN A 19 3.48 -12.51 3.14
C ASN A 19 4.78 -13.13 3.61
N LYS A 20 5.84 -12.32 3.67
CA LYS A 20 7.17 -12.77 4.08
C LYS A 20 8.22 -11.73 3.72
N THR A 21 8.21 -11.33 2.46
CA THR A 21 9.21 -10.41 1.94
C THR A 21 8.81 -8.98 2.23
N GLY A 22 9.78 -8.07 2.17
CA GLY A 22 9.51 -6.66 2.39
C GLY A 22 8.83 -6.00 1.21
N SER A 23 7.67 -6.54 0.85
CA SER A 23 6.89 -6.04 -0.29
C SER A 23 5.45 -6.48 -0.11
N ILE A 24 4.53 -5.69 -0.63
CA ILE A 24 3.11 -5.98 -0.45
C ILE A 24 2.50 -6.56 -1.73
N ASP A 25 1.70 -7.61 -1.58
CA ASP A 25 0.95 -8.19 -2.68
C ASP A 25 -0.50 -7.74 -2.57
N TYR A 26 -1.23 -7.76 -3.69
CA TYR A 26 -2.59 -7.25 -3.70
C TYR A 26 -3.50 -8.05 -2.78
N HIS A 27 -3.09 -9.26 -2.43
CA HIS A 27 -3.82 -10.09 -1.47
C HIS A 27 -3.88 -9.40 -0.12
N GLU A 28 -2.74 -8.89 0.34
CA GLU A 28 -2.66 -8.25 1.65
C GLU A 28 -2.83 -6.75 1.53
N LEU A 29 -2.79 -6.24 0.31
CA LEU A 29 -3.13 -4.85 0.05
C LEU A 29 -4.61 -4.65 0.33
N LYS A 30 -5.38 -5.73 0.25
CA LYS A 30 -6.80 -5.70 0.51
C LYS A 30 -7.08 -5.47 2.00
N VAL A 31 -6.13 -5.82 2.86
CA VAL A 31 -6.26 -5.55 4.29
C VAL A 31 -5.59 -4.22 4.61
N ALA A 32 -4.66 -3.80 3.77
CA ALA A 32 -4.05 -2.49 3.87
C ALA A 32 -5.09 -1.42 3.57
N MET A 33 -5.71 -1.52 2.39
CA MET A 33 -6.82 -0.65 2.02
C MET A 33 -7.93 -0.70 3.07
N ARG A 34 -8.05 -1.83 3.75
CA ARG A 34 -9.04 -1.99 4.80
C ARG A 34 -8.78 -1.01 5.95
N ALA A 35 -7.57 -1.05 6.49
CA ALA A 35 -7.19 -0.19 7.61
C ALA A 35 -7.22 1.28 7.20
N LEU A 36 -6.90 1.54 5.93
CA LEU A 36 -6.99 2.89 5.38
C LEU A 36 -8.44 3.31 5.28
N GLY A 37 -9.27 2.40 4.77
CA GLY A 37 -10.68 2.64 4.70
C GLY A 37 -11.17 2.80 3.27
N PHE A 38 -10.87 1.82 2.44
CA PHE A 38 -11.32 1.85 1.05
C PHE A 38 -12.06 0.57 0.69
N ASP A 39 -12.95 0.68 -0.29
CA ASP A 39 -13.66 -0.48 -0.83
C ASP A 39 -13.55 -0.47 -2.35
N VAL A 40 -12.53 -1.14 -2.86
CA VAL A 40 -12.19 -1.08 -4.28
C VAL A 40 -12.27 -2.45 -4.96
N LYS A 41 -12.84 -3.41 -4.25
CA LYS A 41 -13.04 -4.76 -4.80
C LYS A 41 -11.68 -5.42 -5.07
N LYS A 42 -11.71 -6.62 -5.63
CA LYS A 42 -10.48 -7.28 -6.03
C LYS A 42 -10.02 -6.76 -7.41
N PRO A 43 -10.91 -6.71 -8.43
CA PRO A 43 -10.56 -6.24 -9.78
C PRO A 43 -9.91 -4.86 -9.83
N GLU A 44 -10.32 -3.96 -8.95
CA GLU A 44 -9.77 -2.62 -8.97
C GLU A 44 -8.58 -2.51 -8.03
N ILE A 45 -8.47 -3.45 -7.08
CA ILE A 45 -7.39 -3.39 -6.10
C ILE A 45 -6.06 -3.89 -6.67
N LEU A 46 -6.10 -4.89 -7.54
CA LEU A 46 -4.86 -5.36 -8.15
C LEU A 46 -4.49 -4.43 -9.30
N GLU A 47 -5.50 -3.91 -10.01
CA GLU A 47 -5.27 -2.96 -11.07
C GLU A 47 -4.69 -1.69 -10.48
N LEU A 48 -5.07 -1.42 -9.23
CA LEU A 48 -4.50 -0.31 -8.50
C LEU A 48 -2.98 -0.46 -8.45
N MET A 49 -2.51 -1.66 -8.21
CA MET A 49 -1.09 -1.93 -8.11
C MET A 49 -0.48 -2.15 -9.48
N ASN A 50 -1.31 -2.53 -10.43
CA ASN A 50 -0.84 -2.85 -11.78
C ASN A 50 -0.27 -1.61 -12.46
N GLU A 51 -1.08 -0.55 -12.51
CA GLU A 51 -0.62 0.74 -13.03
C GLU A 51 0.48 1.35 -12.16
N TYR A 52 0.38 1.19 -10.85
CA TYR A 52 1.29 1.88 -9.93
C TYR A 52 2.66 1.24 -9.87
N ASP A 53 2.72 -0.09 -9.87
CA ASP A 53 3.98 -0.79 -9.71
C ASP A 53 4.93 -0.48 -10.86
N ARG A 54 6.22 -0.43 -10.52
CA ARG A 54 7.28 -0.07 -11.45
C ARG A 54 7.26 -0.91 -12.74
N GLU A 55 7.64 -2.17 -12.64
CA GLU A 55 7.80 -3.02 -13.81
C GLU A 55 7.93 -4.48 -13.43
N GLY A 56 7.38 -4.83 -12.28
CA GLY A 56 7.42 -6.22 -11.82
C GLY A 56 6.05 -6.84 -11.84
N ASN A 57 5.05 -6.03 -11.53
CA ASN A 57 3.64 -6.43 -11.57
C ASN A 57 3.35 -7.50 -10.54
N GLY A 58 4.23 -7.63 -9.56
CA GLY A 58 4.02 -8.59 -8.50
C GLY A 58 3.73 -7.89 -7.18
N TYR A 59 4.79 -7.42 -6.54
CA TYR A 59 4.65 -6.68 -5.30
C TYR A 59 5.16 -5.26 -5.47
N ILE A 60 4.81 -4.41 -4.53
CA ILE A 60 5.24 -3.02 -4.55
C ILE A 60 6.18 -2.75 -3.38
N GLY A 61 6.85 -1.59 -3.42
CA GLY A 61 7.79 -1.25 -2.37
C GLY A 61 7.20 -0.26 -1.40
N PHE A 62 7.86 -0.08 -0.26
CA PHE A 62 7.38 0.78 0.80
C PHE A 62 7.06 2.19 0.30
N ASP A 63 7.85 2.69 -0.64
CA ASP A 63 7.64 4.05 -1.15
C ASP A 63 6.33 4.15 -1.93
N ASP A 64 6.00 3.08 -2.66
CA ASP A 64 4.77 3.01 -3.46
C ASP A 64 3.55 2.84 -2.56
N PHE A 65 3.81 2.55 -1.29
CA PHE A 65 2.77 2.38 -0.30
C PHE A 65 2.59 3.68 0.47
N LEU A 66 3.72 4.33 0.62
CA LEU A 66 3.84 5.55 1.40
C LEU A 66 3.06 6.68 0.78
N ASP A 67 3.21 6.85 -0.52
CA ASP A 67 2.52 7.92 -1.25
C ASP A 67 1.01 7.69 -1.27
N ILE A 68 0.60 6.56 -0.75
CA ILE A 68 -0.80 6.17 -0.67
C ILE A 68 -1.36 6.53 0.67
N MET A 69 -0.68 6.10 1.71
CA MET A 69 -1.03 6.49 3.04
C MET A 69 -0.90 7.99 3.17
N THR A 70 -0.03 8.58 2.36
CA THR A 70 0.05 10.03 2.29
C THR A 70 -0.77 10.58 1.11
N GLU A 71 -1.32 9.70 0.29
CA GLU A 71 -2.09 10.14 -0.88
C GLU A 71 -3.35 10.86 -0.45
N LYS A 72 -4.15 10.13 0.31
CA LYS A 72 -5.52 10.52 0.56
C LYS A 72 -5.65 11.78 1.42
N ILE A 73 -4.52 12.33 1.88
CA ILE A 73 -4.58 13.58 2.63
C ILE A 73 -4.27 14.80 1.75
N LYS A 74 -3.14 14.78 1.05
CA LYS A 74 -2.72 15.93 0.23
C LYS A 74 -3.36 15.91 -1.15
N ASN A 75 -3.79 14.73 -1.59
CA ASN A 75 -4.46 14.60 -2.87
C ASN A 75 -5.93 14.36 -2.62
N ARG A 76 -6.16 13.56 -1.59
CA ARG A 76 -7.49 13.12 -1.16
C ARG A 76 -8.45 12.96 -2.32
N ASP A 77 -8.07 12.13 -3.27
CA ASP A 77 -8.86 11.90 -4.47
C ASP A 77 -9.72 10.66 -4.30
N LEU A 1 9.12 12.48 5.30
CA LEU A 1 8.17 12.39 6.43
C LEU A 1 8.93 12.50 7.75
N SER A 2 8.27 12.99 8.79
CA SER A 2 8.87 13.00 10.11
C SER A 2 8.85 11.59 10.67
N GLU A 3 9.56 11.38 11.76
CA GLU A 3 9.63 10.06 12.39
C GLU A 3 8.25 9.59 12.84
N GLU A 4 7.48 10.49 13.42
CA GLU A 4 6.11 10.17 13.84
C GLU A 4 5.28 9.67 12.66
N GLN A 5 5.33 10.42 11.55
CA GLN A 5 4.61 10.08 10.35
C GLN A 5 5.18 8.81 9.73
N LYS A 6 6.49 8.63 9.90
CA LYS A 6 7.16 7.41 9.45
C LYS A 6 6.65 6.21 10.21
N GLN A 7 6.49 6.36 11.51
CA GLN A 7 6.01 5.26 12.35
C GLN A 7 4.65 4.78 11.86
N GLU A 8 3.81 5.71 11.45
CA GLU A 8 2.50 5.37 10.91
C GLU A 8 2.64 4.46 9.69
N ILE A 9 3.48 4.90 8.76
CA ILE A 9 3.69 4.19 7.50
C ILE A 9 4.48 2.89 7.71
N LYS A 10 5.60 3.01 8.40
CA LYS A 10 6.50 1.89 8.68
C LYS A 10 5.75 0.76 9.38
N GLU A 11 5.03 1.11 10.45
CA GLU A 11 4.38 0.12 11.31
C GLU A 11 3.20 -0.53 10.60
N ALA A 12 2.52 0.24 9.77
CA ALA A 12 1.43 -0.31 8.96
C ALA A 12 1.99 -1.32 7.98
N PHE A 13 3.13 -0.97 7.40
CA PHE A 13 3.83 -1.86 6.49
C PHE A 13 4.21 -3.15 7.19
N ASP A 14 4.79 -3.04 8.40
CA ASP A 14 5.18 -4.21 9.19
C ASP A 14 3.95 -4.99 9.66
N LEU A 15 2.78 -4.39 9.51
CA LEU A 15 1.54 -5.02 9.92
C LEU A 15 0.87 -5.72 8.74
N PHE A 16 1.03 -5.15 7.55
CA PHE A 16 0.34 -5.65 6.37
C PHE A 16 1.20 -6.60 5.56
N ASP A 17 2.49 -6.63 5.83
CA ASP A 17 3.42 -7.48 5.08
C ASP A 17 3.48 -8.88 5.68
N THR A 18 2.33 -9.34 6.15
CA THR A 18 2.23 -10.59 6.90
C THR A 18 2.87 -11.78 6.19
N ASN A 19 2.71 -11.87 4.88
CA ASN A 19 3.19 -13.04 4.16
C ASN A 19 4.40 -12.70 3.29
N LYS A 20 4.37 -11.56 2.62
CA LYS A 20 5.45 -11.18 1.72
C LYS A 20 6.67 -10.81 2.54
N THR A 21 6.41 -10.19 3.70
CA THR A 21 7.41 -9.87 4.70
C THR A 21 8.58 -9.04 4.16
N GLY A 22 8.58 -7.77 4.50
CA GLY A 22 9.60 -6.87 3.99
C GLY A 22 9.16 -6.20 2.71
N SER A 23 7.99 -6.61 2.24
CA SER A 23 7.41 -6.11 1.00
C SER A 23 5.92 -6.41 1.00
N ILE A 24 5.17 -5.78 0.09
CA ILE A 24 3.74 -5.98 0.04
C ILE A 24 3.33 -6.83 -1.15
N ASP A 25 2.46 -7.80 -0.90
CA ASP A 25 1.88 -8.62 -1.96
C ASP A 25 0.39 -8.26 -2.13
N TYR A 26 -0.11 -8.36 -3.36
CA TYR A 26 -1.48 -7.95 -3.69
C TYR A 26 -2.51 -8.76 -2.90
N HIS A 27 -2.15 -9.97 -2.52
CA HIS A 27 -3.06 -10.86 -1.79
C HIS A 27 -3.42 -10.27 -0.42
N GLU A 28 -2.44 -9.68 0.25
CA GLU A 28 -2.67 -9.12 1.58
C GLU A 28 -2.95 -7.61 1.49
N LEU A 29 -2.85 -7.05 0.28
CA LEU A 29 -3.10 -5.63 0.06
C LEU A 29 -4.51 -5.23 0.48
N LYS A 30 -5.45 -6.17 0.38
CA LYS A 30 -6.86 -5.90 0.71
C LYS A 30 -7.01 -5.46 2.16
N VAL A 31 -6.19 -6.01 3.03
CA VAL A 31 -6.19 -5.62 4.43
C VAL A 31 -5.51 -4.27 4.58
N ALA A 32 -4.48 -4.05 3.77
CA ALA A 32 -3.72 -2.81 3.80
C ALA A 32 -4.60 -1.62 3.43
N MET A 33 -5.17 -1.65 2.23
CA MET A 33 -5.97 -0.53 1.77
C MET A 33 -7.31 -0.44 2.49
N ARG A 34 -7.75 -1.55 3.08
CA ARG A 34 -8.93 -1.56 3.92
C ARG A 34 -8.73 -0.62 5.11
N ALA A 35 -7.53 -0.69 5.68
CA ALA A 35 -7.18 0.18 6.80
C ALA A 35 -7.13 1.65 6.39
N LEU A 36 -6.83 1.88 5.11
CA LEU A 36 -6.81 3.22 4.55
C LEU A 36 -8.23 3.73 4.33
N GLY A 37 -9.19 2.80 4.37
CA GLY A 37 -10.59 3.16 4.32
C GLY A 37 -11.14 3.21 2.91
N PHE A 38 -10.90 2.18 2.12
CA PHE A 38 -11.46 2.10 0.79
C PHE A 38 -12.36 0.89 0.63
N ASP A 39 -13.02 0.82 -0.51
CA ASP A 39 -13.73 -0.36 -0.93
C ASP A 39 -13.57 -0.51 -2.44
N VAL A 40 -12.67 -1.40 -2.83
CA VAL A 40 -12.26 -1.49 -4.22
C VAL A 40 -12.58 -2.85 -4.84
N LYS A 41 -12.41 -3.90 -4.06
CA LYS A 41 -12.59 -5.28 -4.53
C LYS A 41 -11.68 -5.58 -5.72
N LYS A 42 -11.85 -6.76 -6.31
CA LYS A 42 -10.96 -7.24 -7.36
C LYS A 42 -10.70 -6.21 -8.48
N PRO A 43 -11.77 -5.69 -9.15
CA PRO A 43 -11.60 -4.78 -10.31
C PRO A 43 -10.71 -3.57 -10.01
N GLU A 44 -10.84 -3.00 -8.83
CA GLU A 44 -10.07 -1.80 -8.52
C GLU A 44 -8.76 -2.16 -7.81
N ILE A 45 -8.73 -3.32 -7.18
CA ILE A 45 -7.58 -3.69 -6.37
C ILE A 45 -6.49 -4.34 -7.19
N LEU A 46 -6.83 -4.90 -8.34
CA LEU A 46 -5.79 -5.34 -9.23
C LEU A 46 -5.34 -4.14 -10.07
N GLU A 47 -6.28 -3.21 -10.33
CA GLU A 47 -5.94 -1.95 -10.97
C GLU A 47 -5.01 -1.18 -10.04
N LEU A 48 -5.22 -1.39 -8.75
CA LEU A 48 -4.33 -0.91 -7.73
C LEU A 48 -2.90 -1.30 -8.11
N MET A 49 -2.75 -2.54 -8.53
CA MET A 49 -1.44 -3.08 -8.87
C MET A 49 -1.16 -2.93 -10.36
N ASN A 50 -2.14 -2.45 -11.11
CA ASN A 50 -2.01 -2.40 -12.56
C ASN A 50 -1.08 -1.27 -12.98
N GLU A 51 -1.35 -0.06 -12.49
CA GLU A 51 -0.43 1.04 -12.72
C GLU A 51 0.75 1.02 -11.75
N TYR A 52 0.50 0.76 -10.48
CA TYR A 52 1.54 0.85 -9.45
C TYR A 52 2.55 -0.30 -9.56
N ASP A 53 2.03 -1.52 -9.53
CA ASP A 53 2.87 -2.73 -9.49
C ASP A 53 3.47 -3.04 -10.86
N ARG A 54 3.11 -2.25 -11.87
CA ARG A 54 3.48 -2.57 -13.25
C ARG A 54 4.99 -2.87 -13.40
N GLU A 55 5.85 -2.04 -12.80
CA GLU A 55 7.28 -2.23 -12.93
C GLU A 55 7.85 -3.15 -11.85
N GLY A 56 6.99 -3.63 -10.97
CA GLY A 56 7.39 -4.60 -9.96
C GLY A 56 6.96 -6.00 -10.35
N ASN A 57 5.77 -6.09 -10.92
CA ASN A 57 5.21 -7.32 -11.43
C ASN A 57 4.99 -8.34 -10.31
N GLY A 58 3.93 -8.14 -9.55
CA GLY A 58 3.56 -9.11 -8.53
C GLY A 58 3.49 -8.51 -7.14
N TYR A 59 4.27 -7.48 -6.86
CA TYR A 59 4.32 -6.91 -5.53
C TYR A 59 5.03 -5.55 -5.55
N ILE A 60 4.89 -4.78 -4.47
CA ILE A 60 5.63 -3.52 -4.35
C ILE A 60 6.43 -3.49 -3.05
N GLY A 61 7.35 -2.54 -2.96
CA GLY A 61 8.18 -2.40 -1.78
C GLY A 61 7.73 -1.24 -0.93
N PHE A 62 8.26 -1.15 0.28
CA PHE A 62 7.86 -0.12 1.22
C PHE A 62 7.94 1.29 0.60
N ASP A 63 8.95 1.54 -0.22
CA ASP A 63 9.13 2.88 -0.77
C ASP A 63 8.07 3.18 -1.82
N ASP A 64 7.57 2.13 -2.46
CA ASP A 64 6.48 2.26 -3.42
C ASP A 64 5.16 2.44 -2.67
N PHE A 65 5.17 1.97 -1.43
CA PHE A 65 4.05 2.05 -0.52
C PHE A 65 3.96 3.45 0.11
N LEU A 66 5.11 4.10 0.18
CA LEU A 66 5.25 5.36 0.88
C LEU A 66 4.49 6.48 0.21
N ASP A 67 4.69 6.61 -1.10
CA ASP A 67 4.08 7.69 -1.86
C ASP A 67 2.56 7.54 -1.91
N ILE A 68 2.07 6.46 -1.34
CA ILE A 68 0.65 6.16 -1.29
C ILE A 68 0.03 6.63 0.00
N MET A 69 0.74 6.41 1.08
CA MET A 69 0.31 6.92 2.37
C MET A 69 0.40 8.43 2.32
N THR A 70 1.29 8.92 1.47
CA THR A 70 1.38 10.33 1.21
C THR A 70 0.60 10.70 -0.05
N GLU A 71 0.05 9.71 -0.74
CA GLU A 71 -0.68 9.96 -1.96
C GLU A 71 -2.02 10.60 -1.65
N LYS A 72 -2.84 9.84 -0.96
CA LYS A 72 -4.18 10.27 -0.64
C LYS A 72 -4.24 11.48 0.32
N ILE A 73 -3.10 11.96 0.84
CA ILE A 73 -3.15 13.10 1.76
C ILE A 73 -2.95 14.43 1.04
N LYS A 74 -1.85 14.57 0.29
CA LYS A 74 -1.56 15.82 -0.40
C LYS A 74 -2.48 16.00 -1.61
N ASN A 75 -3.12 14.91 -2.02
CA ASN A 75 -4.15 14.98 -3.05
C ASN A 75 -5.51 14.97 -2.39
N ARG A 76 -5.54 14.36 -1.23
CA ARG A 76 -6.75 14.19 -0.43
C ARG A 76 -7.93 13.73 -1.27
N ASP A 77 -7.87 12.47 -1.69
CA ASP A 77 -8.94 11.87 -2.45
C ASP A 77 -9.74 10.94 -1.56
N LEU A 1 8.46 13.85 4.62
CA LEU A 1 7.74 13.38 5.68
C LEU A 1 8.60 13.19 6.86
N SER A 2 8.08 13.34 8.01
CA SER A 2 8.80 13.12 9.22
C SER A 2 8.85 11.69 9.60
N GLU A 3 9.70 11.34 10.51
CA GLU A 3 9.86 9.98 10.91
C GLU A 3 8.69 9.50 11.69
N GLU A 4 8.04 10.38 12.37
CA GLU A 4 6.87 10.04 13.07
C GLU A 4 5.82 9.50 12.12
N GLN A 5 5.72 10.11 10.97
CA GLN A 5 4.81 9.70 9.95
C GLN A 5 5.23 8.38 9.41
N LYS A 6 6.51 8.22 9.30
CA LYS A 6 7.06 7.02 8.81
C LYS A 6 6.82 5.90 9.75
N GLN A 7 6.90 6.17 11.01
CA GLN A 7 6.67 5.17 12.01
C GLN A 7 5.34 4.53 11.82
N GLU A 8 4.34 5.33 11.56
CA GLU A 8 3.02 4.83 11.33
C GLU A 8 2.97 4.01 10.05
N ILE A 9 3.59 4.52 9.02
CA ILE A 9 3.58 3.89 7.71
C ILE A 9 4.34 2.57 7.71
N LYS A 10 5.52 2.57 8.29
CA LYS A 10 6.33 1.37 8.32
C LYS A 10 5.76 0.34 9.23
N GLU A 11 5.18 0.79 10.31
CA GLU A 11 4.58 -0.09 11.26
C GLU A 11 3.41 -0.83 10.63
N ALA A 12 2.67 -0.13 9.79
CA ALA A 12 1.60 -0.74 9.04
C ALA A 12 2.18 -1.62 7.94
N PHE A 13 3.28 -1.18 7.35
CA PHE A 13 3.94 -1.93 6.30
C PHE A 13 4.34 -3.31 6.79
N ASP A 14 5.00 -3.35 7.94
CA ASP A 14 5.41 -4.60 8.55
C ASP A 14 4.21 -5.42 8.99
N LEU A 15 3.17 -4.73 9.39
CA LEU A 15 1.94 -5.35 9.83
C LEU A 15 1.24 -6.07 8.68
N PHE A 16 1.12 -5.40 7.56
CA PHE A 16 0.38 -5.94 6.45
C PHE A 16 1.20 -6.94 5.66
N ASP A 17 2.51 -6.86 5.77
CA ASP A 17 3.38 -7.83 5.15
C ASP A 17 3.21 -9.16 5.83
N THR A 18 2.41 -9.86 5.59
CA THR A 18 2.12 -11.13 6.18
C THR A 18 2.89 -12.22 5.54
N ASN A 19 3.64 -11.87 4.65
CA ASN A 19 4.45 -12.79 3.96
C ASN A 19 5.81 -12.72 4.39
N LYS A 20 6.37 -11.90 4.55
CA LYS A 20 7.66 -11.73 4.93
C LYS A 20 8.63 -11.26 4.11
N THR A 21 8.50 -10.54 3.41
CA THR A 21 9.39 -10.08 2.57
C THR A 21 9.54 -8.64 2.52
N GLY A 22 9.12 -7.87 2.94
CA GLY A 22 9.22 -6.49 2.89
C GLY A 22 8.67 -5.91 1.65
N SER A 23 7.61 -6.52 1.16
CA SER A 23 6.96 -6.09 -0.03
C SER A 23 5.52 -6.55 -0.02
N ILE A 24 4.63 -5.76 -0.58
CA ILE A 24 3.21 -6.06 -0.50
C ILE A 24 2.67 -6.57 -1.82
N ASP A 25 1.89 -7.62 -1.76
CA ASP A 25 1.20 -8.15 -2.92
C ASP A 25 -0.26 -7.79 -2.87
N TYR A 26 -0.95 -7.85 -3.99
CA TYR A 26 -2.33 -7.44 -4.06
C TYR A 26 -3.22 -8.30 -3.18
N HIS A 27 -2.76 -9.46 -2.83
CA HIS A 27 -3.48 -10.31 -1.95
C HIS A 27 -3.56 -9.75 -0.56
N GLU A 28 -2.47 -9.20 -0.08
CA GLU A 28 -2.42 -8.64 1.25
C GLU A 28 -2.75 -7.16 1.22
N LEU A 29 -2.73 -6.57 0.04
CA LEU A 29 -3.08 -5.18 -0.11
C LEU A 29 -4.52 -4.95 0.31
N LYS A 30 -5.35 -5.97 0.14
CA LYS A 30 -6.76 -5.87 0.44
C LYS A 30 -6.98 -5.57 1.92
N VAL A 31 -6.18 -6.14 2.78
CA VAL A 31 -6.29 -5.90 4.21
C VAL A 31 -5.71 -4.54 4.55
N ALA A 32 -4.73 -4.11 3.77
CA ALA A 32 -4.12 -2.80 3.94
C ALA A 32 -5.12 -1.71 3.57
N MET A 33 -5.71 -1.85 2.39
CA MET A 33 -6.69 -0.90 1.91
C MET A 33 -7.87 -0.81 2.85
N ARG A 34 -8.23 -1.92 3.44
CA ARG A 34 -9.33 -1.95 4.39
C ARG A 34 -8.99 -1.15 5.63
N ALA A 35 -7.79 -1.35 6.14
CA ALA A 35 -7.35 -0.65 7.34
C ALA A 35 -7.27 0.84 7.11
N LEU A 36 -6.90 1.22 5.91
CA LEU A 36 -6.88 2.62 5.54
C LEU A 36 -8.28 3.14 5.38
N GLY A 37 -9.12 2.35 4.81
CA GLY A 37 -10.50 2.73 4.64
C GLY A 37 -10.88 2.97 3.21
N PHE A 38 -10.60 2.06 2.34
CA PHE A 38 -10.98 2.17 0.95
C PHE A 38 -11.98 1.11 0.60
N ASP A 39 -12.64 1.31 -0.31
CA ASP A 39 -13.52 0.34 -0.86
C ASP A 39 -13.27 0.12 -2.28
N VAL A 40 -12.47 -0.56 -2.67
CA VAL A 40 -12.03 -0.74 -3.98
C VAL A 40 -12.43 -2.02 -4.64
N LYS A 41 -12.65 -3.02 -3.87
CA LYS A 41 -13.00 -4.30 -4.39
C LYS A 41 -11.93 -4.86 -5.26
N LYS A 42 -12.21 -5.96 -5.93
CA LYS A 42 -11.23 -6.61 -6.77
C LYS A 42 -10.79 -5.76 -7.93
N PRO A 43 -11.71 -5.28 -8.77
CA PRO A 43 -11.36 -4.57 -9.97
C PRO A 43 -10.44 -3.39 -9.75
N GLU A 44 -10.71 -2.61 -8.73
CA GLU A 44 -9.96 -1.41 -8.50
C GLU A 44 -8.70 -1.69 -7.70
N ILE A 45 -8.64 -2.82 -7.05
CA ILE A 45 -7.54 -3.11 -6.17
C ILE A 45 -6.36 -3.70 -6.91
N LEU A 46 -6.59 -4.57 -7.87
CA LEU A 46 -5.49 -5.14 -8.60
C LEU A 46 -4.96 -4.15 -9.60
N GLU A 47 -5.86 -3.35 -10.16
CA GLU A 47 -5.44 -2.33 -11.11
C GLU A 47 -4.71 -1.24 -10.39
N LEU A 48 -5.03 -1.07 -9.12
CA LEU A 48 -4.33 -0.15 -8.30
C LEU A 48 -2.86 -0.49 -8.29
N MET A 49 -2.58 -1.76 -8.24
CA MET A 49 -1.23 -2.21 -8.19
C MET A 49 -0.69 -2.39 -9.57
N ASN A 50 -1.54 -2.59 -10.50
CA ASN A 50 -1.13 -2.81 -11.86
C ASN A 50 -0.50 -1.57 -12.45
N GLU A 51 -1.11 -0.45 -12.22
CA GLU A 51 -0.52 0.81 -12.60
C GLU A 51 0.71 1.17 -11.79
N TYR A 52 0.69 0.87 -10.51
CA TYR A 52 1.78 1.27 -9.63
C TYR A 52 2.93 0.30 -9.63
N ASP A 53 2.67 -0.95 -9.67
CA ASP A 53 3.68 -1.96 -9.58
C ASP A 53 4.51 -1.96 -10.72
N ARG A 54 5.17 -2.09 -10.98
CA ARG A 54 5.99 -2.12 -12.01
C ARG A 54 6.23 -2.74 -12.80
N GLU A 55 6.39 -3.07 -12.82
CA GLU A 55 6.66 -3.65 -13.53
C GLU A 55 6.70 -4.83 -13.14
N GLY A 56 6.29 -5.19 -12.28
CA GLY A 56 6.29 -6.33 -11.87
C GLY A 56 5.90 -7.20 -11.63
N ASN A 57 5.33 -6.77 -11.30
CA ASN A 57 4.89 -7.48 -11.06
C ASN A 57 4.59 -8.25 -10.08
N GLY A 58 4.22 -7.98 -9.43
CA GLY A 58 3.93 -8.66 -8.48
C GLY A 58 3.74 -8.06 -7.15
N TYR A 59 4.68 -7.30 -6.74
CA TYR A 59 4.62 -6.67 -5.47
C TYR A 59 5.08 -5.24 -5.59
N ILE A 60 4.80 -4.47 -4.60
CA ILE A 60 5.24 -3.09 -4.54
C ILE A 60 6.22 -2.91 -3.40
N GLY A 61 6.96 -1.83 -3.42
CA GLY A 61 7.92 -1.57 -2.39
C GLY A 61 7.44 -0.53 -1.42
N PHE A 62 8.11 -0.41 -0.28
CA PHE A 62 7.72 0.53 0.75
C PHE A 62 7.63 1.94 0.20
N ASP A 63 8.51 2.28 -0.73
CA ASP A 63 8.52 3.61 -1.32
C ASP A 63 7.24 3.86 -2.09
N ASP A 64 6.70 2.82 -2.69
CA ASP A 64 5.47 2.94 -3.46
C ASP A 64 4.28 2.94 -2.52
N PHE A 65 4.42 2.28 -1.40
CA PHE A 65 3.38 2.17 -0.40
C PHE A 65 3.20 3.49 0.32
N LEU A 66 4.30 4.18 0.47
CA LEU A 66 4.37 5.43 1.18
C LEU A 66 3.50 6.47 0.51
N ASP A 67 3.62 6.57 -0.80
CA ASP A 67 2.91 7.58 -1.56
C ASP A 67 1.42 7.30 -1.60
N ILE A 68 1.03 6.18 -1.02
CA ILE A 68 -0.35 5.77 -0.92
C ILE A 68 -0.94 6.21 0.40
N MET A 69 -0.17 6.04 1.44
CA MET A 69 -0.54 6.55 2.72
C MET A 69 -0.47 8.05 2.70
N THR A 70 0.30 8.57 1.76
CA THR A 70 0.28 9.99 1.49
C THR A 70 -0.65 10.31 0.33
N GLU A 71 -1.06 9.30 -0.42
CA GLU A 71 -1.88 9.49 -1.60
C GLU A 71 -3.16 10.20 -1.26
N LYS A 72 -3.92 9.57 -0.39
CA LYS A 72 -5.27 9.98 -0.12
C LYS A 72 -5.35 11.28 0.67
N ILE A 73 -4.23 11.78 1.17
CA ILE A 73 -4.24 13.06 1.87
C ILE A 73 -3.84 14.20 0.99
N LYS A 74 -2.88 13.98 0.13
CA LYS A 74 -2.41 14.99 -0.76
C LYS A 74 -3.33 15.15 -1.93
N ASN A 75 -3.92 14.07 -2.33
CA ASN A 75 -4.93 14.09 -3.34
C ASN A 75 -6.23 13.79 -2.69
N ARG A 76 -6.40 14.09 -1.55
CA ARG A 76 -7.58 13.85 -0.77
C ARG A 76 -8.76 14.21 -1.51
N ASP A 77 -8.58 14.72 -2.34
CA ASP A 77 -9.60 15.11 -3.09
C ASP A 77 -9.67 14.71 -4.05
#